data_5T0L
#
_entry.id   5T0L
#
_cell.length_a   51.277
_cell.length_b   143.983
_cell.length_c   170.214
_cell.angle_alpha   90.00
_cell.angle_beta   90.00
_cell.angle_gamma   90.00
#
_symmetry.space_group_name_H-M   'P 21 21 21'
#
loop_
_entity.id
_entity.type
_entity.pdbx_description
1 polymer 'Bifunctional dihydrofolate reductase-thymidylate synthase'
2 non-polymer "2'-DEOXYURIDINE 5'-MONOPHOSPHATE"
3 non-polymer 'NADPH DIHYDRO-NICOTINAMIDE-ADENINE-DINUCLEOTIDE PHOSPHATE'
4 non-polymer '10-PROPARGYL-5,8-DIDEAZAFOLIC ACID'
5 non-polymer 5-[4-(3,4-dichlorophenyl)piperazin-1-yl]pyrimidine-2,4-diamine
#
_entity_poly.entity_id   1
_entity_poly.type   'polypeptide(L)'
_entity_poly.pdbx_seq_one_letter_code
;MQKPVCLVVAMTPKRGIGINNGLPWPHLTTDFKHFSRVTKTTPEEASRFNAVVMGRKTWESMPRKFRPLVDRLNIVVSSS
LKEEDIAAEKPQAEGQQRVRVCASLPAALSLLEEEYKDSVDQIFVVGGAGLYEAALSLGVASHLYITRVAREFPCDVFFP
AFPGDDILSNKSTAAEKDNEATYRPIFISKTFSDNGVPYDFVVLEKRRKTDDAATAEPSNAMSSLTSTRETTPVHGLQAP
SSAAAIAPVLAWMDEEDRKKREQKELIRAVPHVHFRGHEEFQYLDLIADIINNGRTMDDRTGVGVISKFGCTMRYSLDQA
FPLLTTKRVFWKGVLEELLWFIRGDTNANHLSEKGVKIWDKNVTREFLDSRNLPHREVGDIGPGYGFQWRHFGAAYKDMH
TDYTGQGVDQLKNVIQMLRTNPTDRRMLMTAWNPAALDEMALPPCHLLCQFYVNDQKELSCIMYQRSCDVGLGVPFNIAS
YSLLTLMVAHVCNLKPKEFIHFMGNTHVYTNHVEALKEQLRREPRPFPIVNILNKERIKEIDDFTAEDFEVVGYVPHGRI
QMEMAV
;
_entity_poly.pdbx_strand_id   A,B
#
loop_
_chem_comp.id
_chem_comp.type
_chem_comp.name
_chem_comp.formula
73X non-polymer 5-[4-(3,4-dichlorophenyl)piperazin-1-yl]pyrimidine-2,4-diamine 'C14 H16 Cl2 N6'
CB3 non-polymer '10-PROPARGYL-5,8-DIDEAZAFOLIC ACID' 'C24 H23 N5 O6'
NDP non-polymer 'NADPH DIHYDRO-NICOTINAMIDE-ADENINE-DINUCLEOTIDE PHOSPHATE' 'C21 H30 N7 O17 P3'
UMP non-polymer '2'-DEOXYURIDINE 5'-MONOPHOSPHATE' 'C9 H13 N2 O8 P'
#
# COMPACT_ATOMS: atom_id res chain seq x y z
N PRO A 4 -6.88 1.33 -41.18
CA PRO A 4 -6.27 1.12 -39.87
C PRO A 4 -6.84 -0.12 -39.16
N VAL A 5 -6.07 -1.19 -39.12
CA VAL A 5 -6.58 -2.48 -38.66
C VAL A 5 -6.00 -2.94 -37.32
N CYS A 6 -6.79 -3.76 -36.61
CA CYS A 6 -6.37 -4.40 -35.37
C CYS A 6 -6.45 -5.92 -35.49
N LEU A 7 -5.41 -6.60 -35.02
CA LEU A 7 -5.39 -8.06 -35.02
C LEU A 7 -5.81 -8.57 -33.65
N VAL A 8 -6.42 -9.75 -33.63
CA VAL A 8 -6.89 -10.34 -32.37
C VAL A 8 -6.62 -11.85 -32.35
N VAL A 9 -5.81 -12.28 -31.38
CA VAL A 9 -5.21 -13.61 -31.37
C VAL A 9 -5.13 -14.28 -30.02
N ALA A 10 -5.07 -15.61 -30.03
CA ALA A 10 -4.65 -16.40 -28.88
C ALA A 10 -3.49 -17.27 -29.32
N MET A 11 -2.48 -17.40 -28.47
CA MET A 11 -1.18 -17.87 -28.92
C MET A 11 -0.40 -18.61 -27.82
N THR A 12 0.25 -19.71 -28.19
CA THR A 12 1.18 -20.39 -27.29
C THR A 12 2.51 -19.64 -27.29
N PRO A 13 3.40 -19.93 -26.32
CA PRO A 13 4.70 -19.24 -26.28
C PRO A 13 5.52 -19.44 -27.55
N LYS A 14 5.25 -20.54 -28.25
CA LYS A 14 5.93 -20.84 -29.51
C LYS A 14 5.07 -20.46 -30.72
N ARG A 15 4.22 -19.43 -30.53
CA ARG A 15 3.37 -18.85 -31.58
C ARG A 15 2.26 -19.74 -32.13
N GLY A 16 2.14 -20.96 -31.63
CA GLY A 16 1.13 -21.91 -32.10
C GLY A 16 -0.28 -21.40 -31.87
N ILE A 17 -1.16 -21.65 -32.83
CA ILE A 17 -2.53 -21.11 -32.77
C ILE A 17 -3.62 -22.10 -33.17
N GLY A 18 -3.24 -23.15 -33.90
CA GLY A 18 -4.22 -24.13 -34.36
C GLY A 18 -3.66 -25.52 -34.61
N ILE A 19 -4.57 -26.50 -34.58
CA ILE A 19 -4.28 -27.88 -34.95
C ILE A 19 -5.55 -28.54 -35.46
N ASN A 20 -5.42 -29.32 -36.54
CA ASN A 20 -6.54 -30.01 -37.18
C ASN A 20 -7.77 -29.12 -37.37
N ASN A 21 -7.53 -27.93 -37.92
CA ASN A 21 -8.57 -26.91 -38.08
C ASN A 21 -9.44 -26.71 -36.82
N GLY A 22 -8.76 -26.64 -35.67
CA GLY A 22 -9.39 -26.38 -34.38
C GLY A 22 -8.39 -25.71 -33.45
N LEU A 23 -8.84 -25.39 -32.24
CA LEU A 23 -7.98 -24.74 -31.25
C LEU A 23 -7.17 -25.77 -30.46
N PRO A 24 -5.87 -25.49 -30.19
CA PRO A 24 -4.94 -26.45 -29.59
C PRO A 24 -5.26 -26.81 -28.14
N TRP A 25 -5.90 -25.88 -27.43
CA TRP A 25 -6.16 -25.99 -25.99
C TRP A 25 -7.63 -26.30 -25.68
N PRO A 26 -7.93 -26.68 -24.42
CA PRO A 26 -9.32 -26.75 -23.97
C PRO A 26 -10.00 -25.39 -24.01
N HIS A 27 -11.29 -25.33 -23.69
CA HIS A 27 -12.05 -24.10 -23.80
C HIS A 27 -11.61 -23.05 -22.77
N LEU A 28 -11.25 -21.86 -23.26
CA LEU A 28 -10.88 -20.75 -22.40
C LEU A 28 -11.98 -19.69 -22.44
N THR A 29 -12.90 -19.79 -21.48
CA THR A 29 -14.10 -18.94 -21.43
C THR A 29 -13.83 -17.44 -21.32
N THR A 30 -12.82 -17.05 -20.55
CA THR A 30 -12.49 -15.65 -20.39
C THR A 30 -11.94 -15.04 -21.69
N ASP A 31 -11.17 -15.82 -22.44
CA ASP A 31 -10.67 -15.38 -23.73
C ASP A 31 -11.81 -15.16 -24.72
N PHE A 32 -12.78 -16.07 -24.74
CA PHE A 32 -13.95 -15.95 -25.61
C PHE A 32 -14.80 -14.73 -25.26
N LYS A 33 -14.89 -14.42 -23.97
CA LYS A 33 -15.54 -13.20 -23.50
C LYS A 33 -14.77 -11.97 -23.96
N HIS A 34 -13.44 -12.05 -23.87
CA HIS A 34 -12.55 -10.99 -24.36
C HIS A 34 -12.73 -10.79 -25.84
N PHE A 35 -12.66 -11.88 -26.61
CA PHE A 35 -12.80 -11.82 -28.06
C PHE A 35 -14.09 -11.12 -28.47
N SER A 36 -15.18 -11.53 -27.83
CA SER A 36 -16.52 -11.01 -28.12
C SER A 36 -16.62 -9.52 -27.82
N ARG A 37 -16.14 -9.13 -26.64
CA ARG A 37 -16.23 -7.74 -26.17
C ARG A 37 -15.43 -6.78 -27.04
N VAL A 38 -14.19 -7.14 -27.35
CA VAL A 38 -13.32 -6.30 -28.16
C VAL A 38 -13.90 -6.12 -29.56
N THR A 39 -14.34 -7.22 -30.17
CA THR A 39 -14.82 -7.20 -31.56
C THR A 39 -16.24 -6.62 -31.73
N LYS A 40 -17.03 -6.61 -30.66
CA LYS A 40 -18.41 -6.11 -30.74
C LYS A 40 -18.60 -4.64 -30.41
N THR A 41 -17.89 -4.14 -29.40
CA THR A 41 -18.14 -2.81 -28.84
C THR A 41 -17.92 -1.63 -29.80
N THR A 42 -18.88 -0.70 -29.77
CA THR A 42 -18.88 0.50 -30.59
C THR A 42 -19.53 1.62 -29.75
N PRO A 43 -19.15 2.90 -29.97
CA PRO A 43 -19.82 3.99 -29.25
C PRO A 43 -21.31 4.09 -29.58
N ALA A 46 -24.14 3.02 -31.64
CA ALA A 46 -24.98 4.08 -32.18
C ALA A 46 -25.40 3.75 -33.62
N SER A 47 -24.73 4.35 -34.60
CA SER A 47 -25.02 4.10 -36.01
C SER A 47 -24.21 2.94 -36.59
N ARG A 48 -22.99 2.74 -36.08
CA ARG A 48 -22.01 1.81 -36.70
C ARG A 48 -21.88 0.39 -36.10
N PHE A 49 -21.18 -0.51 -36.83
CA PHE A 49 -20.74 -1.86 -36.37
C PHE A 49 -19.28 -2.16 -36.78
N ASN A 50 -18.66 -3.19 -36.17
CA ASN A 50 -17.29 -3.57 -36.52
C ASN A 50 -17.23 -4.72 -37.51
N ALA A 51 -16.14 -4.79 -38.28
CA ALA A 51 -15.96 -5.83 -39.27
C ALA A 51 -14.91 -6.84 -38.82
N VAL A 52 -15.21 -8.12 -39.02
CA VAL A 52 -14.27 -9.19 -38.73
C VAL A 52 -13.83 -9.87 -40.03
N VAL A 53 -12.54 -9.75 -40.34
CA VAL A 53 -11.98 -10.39 -41.53
C VAL A 53 -11.30 -11.69 -41.13
N MET A 54 -11.70 -12.77 -41.79
CA MET A 54 -11.17 -14.09 -41.51
C MET A 54 -10.87 -14.86 -42.78
N GLY A 55 -9.99 -15.86 -42.69
CA GLY A 55 -9.72 -16.76 -43.81
C GLY A 55 -10.80 -17.81 -43.91
N ARG A 56 -10.72 -18.63 -44.95
CA ARG A 56 -11.72 -19.66 -45.23
C ARG A 56 -11.69 -20.78 -44.17
N LYS A 57 -10.49 -21.23 -43.83
CA LYS A 57 -10.31 -22.32 -42.88
C LYS A 57 -10.72 -21.94 -41.46
N THR A 58 -10.46 -20.68 -41.09
CA THR A 58 -10.94 -20.09 -39.84
C THR A 58 -12.47 -20.14 -39.79
N TRP A 59 -13.10 -19.67 -40.88
CA TRP A 59 -14.55 -19.68 -41.03
C TRP A 59 -15.11 -21.11 -40.88
N GLU A 60 -14.41 -22.07 -41.47
CA GLU A 60 -14.81 -23.47 -41.42
C GLU A 60 -14.57 -24.09 -40.05
N SER A 61 -13.61 -23.54 -39.30
CA SER A 61 -13.29 -24.03 -37.96
C SER A 61 -14.37 -23.70 -36.94
N MET A 62 -15.07 -22.57 -37.15
CA MET A 62 -16.16 -22.16 -36.28
C MET A 62 -17.33 -23.12 -36.37
N PRO A 63 -17.96 -23.44 -35.23
CA PRO A 63 -19.20 -24.24 -35.27
C PRO A 63 -20.33 -23.47 -35.93
N ARG A 64 -21.26 -24.21 -36.53
CA ARG A 64 -22.37 -23.66 -37.33
C ARG A 64 -23.15 -22.54 -36.62
N LYS A 65 -23.62 -22.82 -35.41
CA LYS A 65 -24.50 -21.93 -34.66
C LYS A 65 -23.91 -20.53 -34.40
N PHE A 66 -22.59 -20.45 -34.24
CA PHE A 66 -21.91 -19.19 -33.93
C PHE A 66 -21.55 -18.37 -35.17
N ARG A 67 -21.56 -19.01 -36.34
CA ARG A 67 -21.21 -18.33 -37.59
C ARG A 67 -22.45 -17.96 -38.42
N PRO A 68 -22.48 -16.73 -38.99
CA PRO A 68 -21.44 -15.69 -38.84
C PRO A 68 -21.46 -15.08 -37.45
N LEU A 69 -20.34 -14.49 -37.04
CA LEU A 69 -20.25 -13.81 -35.75
C LEU A 69 -21.25 -12.69 -35.66
N VAL A 70 -22.12 -12.76 -34.65
CA VAL A 70 -23.25 -11.85 -34.52
C VAL A 70 -22.86 -10.39 -34.27
N ASP A 71 -23.64 -9.49 -34.88
CA ASP A 71 -23.49 -8.04 -34.70
C ASP A 71 -22.18 -7.50 -35.26
N ARG A 72 -21.59 -8.24 -36.20
CA ARG A 72 -20.35 -7.84 -36.84
C ARG A 72 -20.40 -8.24 -38.30
N LEU A 73 -19.97 -7.33 -39.18
CA LEU A 73 -19.83 -7.67 -40.59
C LEU A 73 -18.74 -8.73 -40.74
N ASN A 74 -19.12 -9.88 -41.26
CA ASN A 74 -18.18 -10.97 -41.47
C ASN A 74 -17.65 -10.95 -42.90
N ILE A 75 -16.34 -10.89 -43.02
CA ILE A 75 -15.70 -10.99 -44.34
C ILE A 75 -14.78 -12.20 -44.36
N VAL A 76 -15.09 -13.14 -45.26
CA VAL A 76 -14.27 -14.32 -45.44
C VAL A 76 -13.38 -14.13 -46.65
N VAL A 77 -12.13 -14.54 -46.53
CA VAL A 77 -11.20 -14.50 -47.65
C VAL A 77 -11.10 -15.93 -48.19
N SER A 78 -11.41 -16.08 -49.48
CA SER A 78 -11.40 -17.38 -50.15
C SER A 78 -11.55 -17.24 -51.66
N SER A 79 -10.81 -18.06 -52.40
CA SER A 79 -10.99 -18.20 -53.84
C SER A 79 -11.97 -19.33 -54.13
N SER A 80 -12.09 -20.26 -53.20
CA SER A 80 -12.98 -21.42 -53.36
C SER A 80 -14.41 -21.14 -52.90
N LEU A 81 -14.57 -20.75 -51.63
CA LEU A 81 -15.89 -20.41 -51.08
C LEU A 81 -16.51 -19.21 -51.78
N LYS A 82 -17.83 -19.26 -51.96
CA LYS A 82 -18.56 -18.18 -52.62
C LYS A 82 -19.65 -17.65 -51.69
N GLU A 83 -20.09 -16.42 -51.95
CA GLU A 83 -21.06 -15.73 -51.10
C GLU A 83 -22.39 -16.47 -50.95
N GLU A 84 -22.76 -17.23 -51.98
CA GLU A 84 -23.99 -18.02 -51.94
C GLU A 84 -23.88 -19.33 -51.17
N ASP A 85 -22.68 -19.92 -51.15
CA ASP A 85 -22.41 -21.09 -50.31
C ASP A 85 -22.77 -20.75 -48.87
N ILE A 86 -22.21 -19.65 -48.38
CA ILE A 86 -22.43 -19.16 -47.02
C ILE A 86 -23.89 -18.78 -46.78
N ALA A 87 -24.49 -18.14 -47.78
CA ALA A 87 -25.90 -17.73 -47.71
C ALA A 87 -26.86 -18.92 -47.56
N ALA A 88 -26.56 -20.00 -48.27
CA ALA A 88 -27.36 -21.22 -48.22
C ALA A 88 -27.15 -22.01 -46.93
N GLU A 89 -25.93 -21.94 -46.40
CA GLU A 89 -25.53 -22.66 -45.18
C GLU A 89 -26.55 -22.51 -44.05
N LYS A 90 -26.93 -21.26 -43.76
CA LYS A 90 -27.86 -20.93 -42.70
C LYS A 90 -28.60 -19.63 -43.05
N PRO A 91 -29.94 -19.58 -42.80
CA PRO A 91 -30.74 -18.40 -43.14
C PRO A 91 -30.30 -17.13 -42.43
N GLN A 92 -30.10 -16.06 -43.19
CA GLN A 92 -29.70 -14.76 -42.67
C GLN A 92 -30.75 -14.23 -41.69
N ALA A 93 -30.33 -13.97 -40.46
CA ALA A 93 -31.22 -13.47 -39.41
C ALA A 93 -31.40 -11.96 -39.52
N GLU A 94 -32.54 -11.48 -39.01
CA GLU A 94 -32.93 -10.07 -39.02
C GLU A 94 -31.84 -9.14 -38.47
N GLY A 95 -31.58 -8.05 -39.19
CA GLY A 95 -30.65 -7.02 -38.71
C GLY A 95 -29.17 -7.34 -38.82
N GLN A 96 -28.85 -8.53 -39.33
CA GLN A 96 -27.46 -8.97 -39.47
C GLN A 96 -26.95 -8.77 -40.89
N GLN A 97 -25.70 -8.34 -41.01
CA GLN A 97 -25.05 -8.15 -42.32
C GLN A 97 -24.89 -9.44 -43.10
N ARG A 98 -25.02 -9.34 -44.42
CA ARG A 98 -24.76 -10.47 -45.29
C ARG A 98 -23.25 -10.69 -45.39
N VAL A 99 -22.83 -11.94 -45.22
CA VAL A 99 -21.42 -12.29 -45.21
C VAL A 99 -20.82 -12.04 -46.60
N ARG A 100 -19.66 -11.39 -46.63
CA ARG A 100 -19.00 -11.06 -47.89
C ARG A 100 -17.74 -11.89 -48.10
N VAL A 101 -17.45 -12.23 -49.36
CA VAL A 101 -16.25 -12.99 -49.70
C VAL A 101 -15.36 -12.16 -50.63
N CYS A 102 -14.06 -12.12 -50.31
CA CYS A 102 -13.08 -11.43 -51.12
C CYS A 102 -11.87 -12.31 -51.43
N ALA A 103 -11.19 -12.00 -52.55
CA ALA A 103 -10.11 -12.83 -53.08
C ALA A 103 -8.77 -12.65 -52.36
N SER A 104 -8.62 -11.53 -51.65
CA SER A 104 -7.39 -11.23 -50.89
C SER A 104 -7.67 -10.21 -49.79
N LEU A 105 -6.70 -10.04 -48.88
CA LEU A 105 -6.81 -9.04 -47.83
C LEU A 105 -6.88 -7.60 -48.39
N PRO A 106 -5.98 -7.24 -49.32
CA PRO A 106 -6.13 -5.92 -49.95
C PRO A 106 -7.55 -5.71 -50.48
N ALA A 107 -8.08 -6.70 -51.20
CA ALA A 107 -9.43 -6.64 -51.77
C ALA A 107 -10.49 -6.39 -50.69
N ALA A 108 -10.38 -7.10 -49.57
CA ALA A 108 -11.32 -6.95 -48.45
C ALA A 108 -11.26 -5.56 -47.80
N LEU A 109 -10.06 -4.99 -47.75
CA LEU A 109 -9.88 -3.62 -47.23
C LEU A 109 -10.43 -2.58 -48.20
N SER A 110 -10.30 -2.86 -49.50
CA SER A 110 -10.87 -2.01 -50.55
C SER A 110 -12.41 -2.03 -50.49
N LEU A 111 -12.98 -3.20 -50.26
CA LEU A 111 -14.43 -3.38 -50.10
C LEU A 111 -14.95 -2.60 -48.89
N LEU A 112 -14.14 -2.54 -47.84
CA LEU A 112 -14.49 -1.78 -46.64
C LEU A 112 -14.46 -0.29 -46.90
N GLU A 113 -13.51 0.15 -47.72
CA GLU A 113 -13.41 1.54 -48.16
C GLU A 113 -14.55 1.92 -49.11
N GLU A 114 -14.71 1.13 -50.18
CA GLU A 114 -15.72 1.38 -51.21
C GLU A 114 -17.17 1.32 -50.69
N GLU A 115 -17.61 0.14 -50.29
CA GLU A 115 -19.03 -0.10 -50.01
C GLU A 115 -19.42 0.08 -48.54
N TYR A 116 -18.43 0.22 -47.66
CA TYR A 116 -18.70 0.24 -46.22
C TYR A 116 -18.15 1.44 -45.43
N LYS A 117 -17.74 2.49 -46.14
CA LYS A 117 -17.48 3.77 -45.46
C LYS A 117 -18.80 4.29 -44.90
N ASP A 118 -18.72 4.97 -43.76
CA ASP A 118 -19.90 5.44 -43.01
C ASP A 118 -20.64 4.31 -42.29
N SER A 119 -20.26 3.06 -42.56
CA SER A 119 -20.96 1.89 -42.01
C SER A 119 -20.16 1.17 -40.92
N VAL A 120 -18.90 0.84 -41.21
CA VAL A 120 -18.04 0.16 -40.24
C VAL A 120 -17.22 1.13 -39.40
N ASP A 121 -16.96 0.75 -38.16
CA ASP A 121 -16.13 1.54 -37.27
C ASP A 121 -14.70 1.01 -37.26
N GLN A 122 -14.50 -0.14 -36.63
CA GLN A 122 -13.19 -0.77 -36.53
C GLN A 122 -13.12 -2.06 -37.32
N ILE A 123 -11.97 -2.31 -37.94
CA ILE A 123 -11.76 -3.55 -38.68
C ILE A 123 -10.84 -4.47 -37.87
N PHE A 124 -11.27 -5.72 -37.73
CA PHE A 124 -10.54 -6.73 -36.95
C PHE A 124 -10.13 -7.92 -37.80
N VAL A 125 -8.84 -8.14 -37.96
CA VAL A 125 -8.36 -9.37 -38.56
C VAL A 125 -8.36 -10.43 -37.47
N VAL A 126 -9.03 -11.54 -37.76
CA VAL A 126 -9.35 -12.56 -36.76
C VAL A 126 -8.67 -13.91 -37.03
N GLY A 127 -8.01 -14.03 -38.18
CA GLY A 127 -7.25 -15.24 -38.49
C GLY A 127 -7.61 -15.84 -39.83
N GLY A 128 -6.85 -16.85 -40.27
CA GLY A 128 -5.74 -17.41 -39.48
C GLY A 128 -4.36 -17.08 -40.02
N ALA A 129 -3.58 -18.10 -40.34
CA ALA A 129 -2.16 -17.97 -40.72
C ALA A 129 -1.90 -17.13 -41.97
N GLY A 130 -2.86 -17.09 -42.90
CA GLY A 130 -2.69 -16.35 -44.15
C GLY A 130 -2.89 -14.85 -43.96
N LEU A 131 -3.92 -14.51 -43.19
CA LEU A 131 -4.32 -13.11 -42.98
C LEU A 131 -3.37 -12.36 -42.07
N TYR A 132 -2.99 -12.98 -40.95
CA TYR A 132 -2.08 -12.38 -39.99
C TYR A 132 -0.78 -11.99 -40.66
N GLU A 133 -0.22 -12.93 -41.43
CA GLU A 133 1.01 -12.71 -42.17
C GLU A 133 0.82 -11.62 -43.22
N ALA A 134 -0.32 -11.66 -43.92
CA ALA A 134 -0.64 -10.67 -44.94
C ALA A 134 -0.76 -9.26 -44.35
N ALA A 135 -1.44 -9.15 -43.21
CA ALA A 135 -1.65 -7.86 -42.54
C ALA A 135 -0.35 -7.27 -42.03
N LEU A 136 0.50 -8.12 -41.44
CA LEU A 136 1.81 -7.70 -40.97
C LEU A 136 2.72 -7.30 -42.14
N SER A 137 2.58 -8.01 -43.26
CA SER A 137 3.31 -7.68 -44.49
C SER A 137 2.90 -6.33 -45.04
N LEU A 138 1.59 -6.09 -45.09
CA LEU A 138 1.06 -4.82 -45.59
C LEU A 138 1.36 -3.65 -44.63
N GLY A 139 1.62 -3.98 -43.36
CA GLY A 139 1.91 -2.98 -42.34
C GLY A 139 0.71 -2.11 -42.00
N VAL A 140 -0.49 -2.70 -42.10
CA VAL A 140 -1.73 -1.99 -41.83
C VAL A 140 -2.29 -2.24 -40.42
N ALA A 141 -1.59 -3.09 -39.66
CA ALA A 141 -1.98 -3.41 -38.30
C ALA A 141 -1.38 -2.41 -37.31
N SER A 142 -2.24 -1.62 -36.67
CA SER A 142 -1.81 -0.64 -35.69
C SER A 142 -1.70 -1.24 -34.29
N HIS A 143 -2.54 -2.25 -34.00
CA HIS A 143 -2.58 -2.88 -32.68
C HIS A 143 -2.82 -4.38 -32.73
N LEU A 144 -2.12 -5.11 -31.87
CA LEU A 144 -2.30 -6.55 -31.76
C LEU A 144 -2.91 -6.91 -30.41
N TYR A 145 -4.04 -7.60 -30.45
CA TYR A 145 -4.70 -8.11 -29.24
C TYR A 145 -4.33 -9.56 -29.01
N ILE A 146 -3.25 -9.78 -28.28
CA ILE A 146 -2.73 -11.12 -28.06
C ILE A 146 -3.16 -11.67 -26.70
N THR A 147 -3.72 -12.86 -26.73
CA THR A 147 -3.92 -13.66 -25.53
C THR A 147 -2.79 -14.67 -25.46
N ARG A 148 -1.89 -14.48 -24.49
CA ARG A 148 -0.72 -15.34 -24.35
C ARG A 148 -1.05 -16.58 -23.53
N VAL A 149 -1.26 -17.69 -24.21
CA VAL A 149 -1.44 -18.98 -23.55
C VAL A 149 -0.07 -19.45 -23.07
N ALA A 150 0.05 -19.70 -21.77
CA ALA A 150 1.35 -19.99 -21.15
C ALA A 150 1.83 -21.43 -21.38
N ARG A 151 0.89 -22.32 -21.60
CA ARG A 151 1.20 -23.72 -21.89
C ARG A 151 1.48 -23.93 -23.35
N GLU A 152 2.33 -24.91 -23.64
CA GLU A 152 2.58 -25.32 -25.01
C GLU A 152 1.64 -26.46 -25.35
N PHE A 153 1.09 -26.39 -26.55
CA PHE A 153 0.20 -27.41 -27.06
C PHE A 153 0.65 -27.85 -28.44
N PRO A 154 0.33 -29.10 -28.84
CA PRO A 154 0.55 -29.55 -30.21
C PRO A 154 -0.15 -28.63 -31.23
N CYS A 155 0.63 -28.04 -32.13
CA CYS A 155 0.08 -27.12 -33.14
C CYS A 155 0.64 -27.37 -34.54
N ASP A 156 -0.21 -27.19 -35.55
CA ASP A 156 0.23 -27.25 -36.94
C ASP A 156 0.14 -25.90 -37.65
N VAL A 157 -0.45 -24.91 -36.98
CA VAL A 157 -0.61 -23.56 -37.54
C VAL A 157 -0.10 -22.52 -36.54
N PHE A 158 0.81 -21.66 -37.01
CA PHE A 158 1.53 -20.75 -36.14
C PHE A 158 1.36 -19.30 -36.58
N PHE A 159 1.30 -18.39 -35.59
CA PHE A 159 1.30 -16.94 -35.84
C PHE A 159 2.71 -16.55 -36.30
N PRO A 160 2.82 -15.70 -37.34
CA PRO A 160 4.13 -15.38 -37.92
C PRO A 160 5.06 -14.64 -36.96
N ALA A 161 6.36 -14.89 -37.10
CA ALA A 161 7.39 -14.17 -36.33
C ALA A 161 7.32 -12.67 -36.61
N PHE A 162 7.32 -11.87 -35.55
CA PHE A 162 7.22 -10.41 -35.68
C PHE A 162 8.12 -9.66 -34.71
N PRO A 163 8.68 -8.51 -35.14
CA PRO A 163 9.51 -7.70 -34.24
C PRO A 163 8.74 -7.35 -32.96
N GLY A 164 9.23 -7.86 -31.84
CA GLY A 164 8.57 -7.69 -30.56
C GLY A 164 7.80 -8.90 -30.13
N ASP A 165 8.11 -10.06 -30.72
CA ASP A 165 7.53 -11.33 -30.27
C ASP A 165 8.28 -11.85 -29.02
N ASP A 166 9.15 -11.02 -28.48
CA ASP A 166 9.87 -11.29 -27.23
C ASP A 166 8.92 -11.36 -26.03
N ILE A 167 7.69 -10.88 -26.22
CA ILE A 167 6.64 -11.01 -25.19
C ILE A 167 6.13 -12.44 -25.02
N LEU A 168 6.38 -13.28 -26.02
CA LEU A 168 5.90 -14.67 -25.99
C LEU A 168 6.91 -15.63 -25.36
N SER A 169 8.17 -15.50 -25.76
CA SER A 169 9.25 -16.35 -25.24
C SER A 169 10.61 -15.73 -25.56
N ASN A 170 11.67 -16.38 -25.05
CA ASN A 170 13.03 -15.92 -25.26
C ASN A 170 13.53 -16.20 -26.67
N LYS A 171 14.57 -15.47 -27.07
CA LYS A 171 15.16 -15.62 -28.40
C LYS A 171 16.57 -16.18 -28.33
N ALA A 181 9.78 -0.91 -38.09
CA ALA A 181 8.60 -0.99 -37.25
C ALA A 181 8.67 -2.15 -36.25
N THR A 182 8.36 -1.87 -34.99
CA THR A 182 8.27 -2.88 -33.93
C THR A 182 6.95 -2.77 -33.17
N TYR A 183 6.52 -3.89 -32.58
CA TYR A 183 5.30 -3.92 -31.79
C TYR A 183 5.64 -3.98 -30.30
N ARG A 184 5.36 -2.90 -29.60
CA ARG A 184 5.67 -2.81 -28.17
C ARG A 184 4.43 -2.95 -27.29
N PRO A 185 4.53 -3.72 -26.19
CA PRO A 185 3.42 -3.83 -25.26
C PRO A 185 3.09 -2.50 -24.61
N ILE A 186 1.81 -2.25 -24.44
CA ILE A 186 1.31 -1.00 -23.86
C ILE A 186 0.25 -1.37 -22.83
N PHE A 187 0.06 -2.68 -22.68
CA PHE A 187 -0.94 -3.26 -21.79
C PHE A 187 -0.50 -4.69 -21.46
N ILE A 188 -0.43 -5.02 -20.18
CA ILE A 188 -0.22 -6.39 -19.72
C ILE A 188 -1.16 -6.62 -18.54
N SER A 189 -1.97 -7.66 -18.62
CA SER A 189 -2.98 -7.94 -17.59
C SER A 189 -2.52 -8.97 -16.58
N LYS A 190 -3.36 -9.20 -15.57
CA LYS A 190 -3.10 -10.25 -14.58
C LYS A 190 -3.35 -11.61 -15.20
N THR A 191 -2.76 -12.65 -14.62
CA THR A 191 -2.90 -14.01 -15.15
C THR A 191 -4.26 -14.60 -14.80
N PHE A 192 -4.96 -15.06 -15.83
CA PHE A 192 -6.22 -15.78 -15.69
C PHE A 192 -5.94 -17.27 -15.84
N SER A 193 -6.94 -18.10 -15.58
CA SER A 193 -6.88 -19.52 -15.91
C SER A 193 -8.26 -20.15 -16.11
N ASP A 194 -8.35 -21.01 -17.11
CA ASP A 194 -9.53 -21.86 -17.35
C ASP A 194 -9.05 -23.24 -17.79
N ASN A 195 -9.66 -24.28 -17.21
CA ASN A 195 -9.36 -25.68 -17.52
C ASN A 195 -7.91 -26.10 -17.37
N GLY A 196 -7.22 -25.52 -16.38
CA GLY A 196 -5.83 -25.85 -16.11
C GLY A 196 -4.83 -25.22 -17.08
N VAL A 197 -5.24 -24.12 -17.69
CA VAL A 197 -4.42 -23.40 -18.66
C VAL A 197 -4.26 -21.96 -18.19
N PRO A 198 -3.02 -21.53 -17.91
CA PRO A 198 -2.80 -20.13 -17.55
C PRO A 198 -2.62 -19.25 -18.78
N TYR A 199 -3.17 -18.04 -18.73
CA TYR A 199 -3.02 -17.07 -19.82
C TYR A 199 -3.34 -15.65 -19.36
N ASP A 200 -2.83 -14.68 -20.09
CA ASP A 200 -3.16 -13.26 -19.84
C ASP A 200 -3.37 -12.50 -21.15
N PHE A 201 -3.62 -11.20 -21.03
CA PHE A 201 -3.94 -10.38 -22.19
C PHE A 201 -2.98 -9.22 -22.34
N VAL A 202 -2.36 -9.12 -23.51
CA VAL A 202 -1.53 -7.96 -23.85
C VAL A 202 -2.09 -7.23 -25.06
N VAL A 203 -1.83 -5.93 -25.12
CA VAL A 203 -2.13 -5.13 -26.30
C VAL A 203 -0.82 -4.51 -26.76
N LEU A 204 -0.41 -4.83 -27.98
CA LEU A 204 0.80 -4.28 -28.55
C LEU A 204 0.47 -3.12 -29.49
N GLU A 205 1.48 -2.31 -29.81
CA GLU A 205 1.31 -1.11 -30.62
C GLU A 205 2.46 -0.95 -31.59
N LYS A 206 2.12 -0.64 -32.85
CA LYS A 206 3.11 -0.35 -33.87
C LYS A 206 3.79 0.98 -33.55
N ARG A 207 5.11 0.98 -33.47
CA ARG A 207 5.86 2.14 -32.97
C ARG A 207 6.93 2.69 -33.90
N ARG A 208 7.77 1.81 -34.46
CA ARG A 208 8.99 2.20 -35.18
C ARG A 208 10.02 2.81 -34.24
N ALA A 243 -11.51 24.25 -8.75
CA ALA A 243 -10.56 23.26 -8.25
C ALA A 243 -9.15 23.48 -8.80
N ALA A 244 -9.00 24.50 -9.65
CA ALA A 244 -7.69 24.96 -10.10
C ALA A 244 -7.02 25.75 -8.98
N ALA A 245 -7.83 26.39 -8.15
CA ALA A 245 -7.38 27.18 -7.02
C ALA A 245 -6.71 26.34 -5.92
N ILE A 246 -6.90 25.03 -5.99
CA ILE A 246 -6.21 24.07 -5.14
C ILE A 246 -4.73 23.99 -5.55
N ALA A 247 -4.50 24.07 -6.86
CA ALA A 247 -3.18 23.83 -7.46
C ALA A 247 -2.01 24.69 -6.97
N PRO A 248 -2.23 26.00 -6.66
CA PRO A 248 -1.09 26.77 -6.16
C PRO A 248 -0.50 26.20 -4.86
N VAL A 249 -1.37 25.64 -4.02
CA VAL A 249 -0.96 25.03 -2.75
C VAL A 249 -0.24 23.72 -2.98
N LEU A 250 -0.74 22.93 -3.94
CA LEU A 250 -0.13 21.66 -4.32
C LEU A 250 1.31 21.81 -4.79
N ALA A 251 1.54 22.84 -5.60
CA ALA A 251 2.83 23.07 -6.24
C ALA A 251 3.98 23.29 -5.24
N TRP A 252 3.73 24.10 -4.21
CA TRP A 252 4.78 24.42 -3.25
C TRP A 252 5.10 23.26 -2.30
N MET A 253 4.14 22.35 -2.12
CA MET A 253 4.35 21.12 -1.35
C MET A 253 5.30 20.18 -2.08
N ASP A 254 5.37 20.33 -3.40
CA ASP A 254 6.05 19.39 -4.29
C ASP A 254 7.55 19.67 -4.48
N GLU A 255 8.28 18.63 -4.85
CA GLU A 255 9.70 18.71 -5.19
C GLU A 255 9.93 18.49 -6.69
N LEU A 266 13.06 8.50 -12.08
CA LEU A 266 14.12 8.35 -13.06
C LEU A 266 14.15 6.91 -13.60
N ILE A 267 14.32 5.95 -12.69
CA ILE A 267 14.31 4.54 -13.04
C ILE A 267 12.89 4.00 -12.92
N ARG A 268 12.37 3.51 -14.04
CA ARG A 268 11.06 2.88 -14.07
C ARG A 268 11.11 1.64 -14.96
N ALA A 269 10.35 0.62 -14.59
CA ALA A 269 10.31 -0.62 -15.36
C ALA A 269 9.31 -0.52 -16.49
N VAL A 270 9.77 -0.79 -17.72
CA VAL A 270 8.89 -0.90 -18.89
C VAL A 270 7.89 0.26 -18.90
N PRO A 271 8.38 1.51 -18.95
CA PRO A 271 7.52 2.67 -18.78
C PRO A 271 6.46 2.78 -19.88
N HIS A 272 6.78 2.21 -21.04
CA HIS A 272 5.89 2.21 -22.20
C HIS A 272 4.60 1.41 -21.97
N VAL A 273 4.66 0.38 -21.14
CA VAL A 273 3.47 -0.37 -20.75
C VAL A 273 2.66 0.48 -19.77
N HIS A 274 1.51 0.96 -20.22
CA HIS A 274 0.73 1.94 -19.46
C HIS A 274 -0.28 1.34 -18.49
N PHE A 275 -0.94 0.25 -18.88
CA PHE A 275 -1.74 -0.52 -17.93
C PHE A 275 -0.92 -1.64 -17.32
N ARG A 276 -0.75 -1.58 -16.01
CA ARG A 276 0.13 -2.49 -15.29
C ARG A 276 -0.65 -3.44 -14.40
N GLY A 277 -1.41 -4.32 -15.04
CA GLY A 277 -2.26 -5.29 -14.35
C GLY A 277 -1.53 -6.49 -13.79
N HIS A 278 -0.53 -6.98 -14.52
CA HIS A 278 0.27 -8.11 -14.07
C HIS A 278 0.84 -7.82 -12.68
N GLU A 279 0.59 -8.75 -11.76
CA GLU A 279 0.94 -8.57 -10.35
C GLU A 279 2.44 -8.51 -10.08
N GLU A 280 3.25 -8.98 -11.02
CA GLU A 280 4.70 -8.92 -10.88
C GLU A 280 5.21 -7.48 -10.94
N PHE A 281 4.42 -6.57 -11.50
CA PHE A 281 4.76 -5.15 -11.52
C PHE A 281 5.01 -4.60 -10.12
N GLN A 282 4.37 -5.20 -9.12
CA GLN A 282 4.63 -4.86 -7.72
C GLN A 282 6.11 -5.02 -7.39
N TYR A 283 6.66 -6.18 -7.72
CA TYR A 283 8.06 -6.48 -7.48
C TYR A 283 8.97 -5.54 -8.28
N LEU A 284 8.63 -5.36 -9.56
CA LEU A 284 9.41 -4.51 -10.45
C LEU A 284 9.39 -3.03 -10.07
N ASP A 285 8.23 -2.55 -9.60
CA ASP A 285 8.09 -1.18 -9.12
C ASP A 285 8.77 -1.00 -7.77
N LEU A 286 8.77 -2.06 -6.97
CA LEU A 286 9.46 -2.08 -5.68
C LEU A 286 10.97 -1.94 -5.87
N ILE A 287 11.51 -2.61 -6.89
CA ILE A 287 12.91 -2.49 -7.26
C ILE A 287 13.25 -1.04 -7.64
N ALA A 288 12.44 -0.46 -8.51
CA ALA A 288 12.63 0.91 -8.99
C ALA A 288 12.52 1.91 -7.85
N ASP A 289 11.55 1.67 -6.97
CA ASP A 289 11.27 2.55 -5.83
C ASP A 289 12.44 2.63 -4.85
N ILE A 290 13.12 1.51 -4.63
CA ILE A 290 14.25 1.47 -3.71
C ILE A 290 15.46 2.18 -4.31
N ILE A 291 15.74 1.93 -5.58
CA ILE A 291 16.87 2.56 -6.26
C ILE A 291 16.68 4.07 -6.39
N ASN A 292 15.46 4.50 -6.69
CA ASN A 292 15.15 5.93 -6.78
C ASN A 292 15.13 6.63 -5.42
N ASN A 293 14.41 6.05 -4.47
CA ASN A 293 14.10 6.71 -3.20
C ASN A 293 14.75 6.09 -1.97
N GLY A 294 15.39 4.94 -2.14
CA GLY A 294 16.07 4.26 -1.04
C GLY A 294 17.29 5.01 -0.55
N ARG A 295 17.75 4.65 0.65
CA ARG A 295 18.90 5.29 1.27
C ARG A 295 20.07 4.34 1.30
N THR A 296 21.23 4.82 0.84
CA THR A 296 22.44 4.02 0.83
C THR A 296 22.90 3.84 2.27
N MET A 297 23.22 2.60 2.65
CA MET A 297 23.52 2.26 4.04
C MET A 297 24.71 1.32 4.15
N ASP A 298 25.32 1.29 5.34
CA ASP A 298 26.22 0.23 5.73
C ASP A 298 25.42 -1.01 6.07
N ASP A 299 26.12 -2.14 6.18
CA ASP A 299 25.47 -3.43 6.23
C ASP A 299 26.34 -4.45 6.97
N ARG A 300 25.71 -5.50 7.50
CA ARG A 300 26.41 -6.59 8.17
C ARG A 300 27.49 -7.22 7.30
N THR A 301 27.18 -7.41 6.01
CA THR A 301 28.06 -8.13 5.08
C THR A 301 29.21 -7.29 4.51
N GLY A 302 29.26 -6.01 4.88
CA GLY A 302 30.27 -5.09 4.37
C GLY A 302 29.94 -4.54 3.00
N VAL A 303 29.21 -5.33 2.21
CA VAL A 303 28.70 -4.91 0.90
C VAL A 303 27.71 -3.76 1.10
N GLY A 304 27.71 -2.81 0.17
CA GLY A 304 26.77 -1.69 0.21
C GLY A 304 25.31 -2.10 0.04
N VAL A 305 24.41 -1.25 0.53
CA VAL A 305 22.97 -1.52 0.51
C VAL A 305 22.20 -0.22 0.28
N ILE A 306 21.20 -0.28 -0.59
CA ILE A 306 20.21 0.80 -0.72
C ILE A 306 18.88 0.26 -0.17
N SER A 307 18.35 0.90 0.85
CA SER A 307 17.22 0.32 1.58
C SER A 307 16.02 1.26 1.80
N LYS A 308 14.83 0.66 1.87
CA LYS A 308 13.62 1.32 2.34
C LYS A 308 13.08 0.52 3.52
N PHE A 309 12.05 1.05 4.17
CA PHE A 309 11.53 0.37 5.34
C PHE A 309 10.02 0.15 5.34
N GLY A 310 9.60 -1.10 5.48
CA GLY A 310 8.19 -1.45 5.61
C GLY A 310 7.44 -1.41 4.29
N CYS A 311 7.62 -2.43 3.47
CA CYS A 311 6.99 -2.48 2.16
C CYS A 311 6.03 -3.65 2.05
N THR A 312 5.08 -3.53 1.12
CA THR A 312 4.01 -4.50 0.97
C THR A 312 3.81 -4.98 -0.47
N MET A 313 3.42 -6.24 -0.59
CA MET A 313 2.98 -6.80 -1.85
C MET A 313 1.91 -7.84 -1.56
N ARG A 314 1.03 -8.06 -2.53
CA ARG A 314 0.06 -9.16 -2.43
C ARG A 314 -0.18 -9.86 -3.75
N TYR A 315 -0.36 -11.17 -3.68
CA TYR A 315 -0.45 -12.01 -4.86
C TYR A 315 -1.63 -12.97 -4.77
N SER A 316 -2.42 -13.02 -5.85
CA SER A 316 -3.57 -13.92 -5.94
C SER A 316 -3.11 -15.35 -6.17
N LEU A 317 -3.80 -16.29 -5.55
CA LEU A 317 -3.46 -17.71 -5.66
C LEU A 317 -4.61 -18.56 -6.22
N ASP A 318 -5.70 -17.89 -6.60
CA ASP A 318 -6.89 -18.56 -7.11
C ASP A 318 -6.80 -18.93 -8.59
N GLN A 319 -6.09 -18.12 -9.38
CA GLN A 319 -5.99 -18.31 -10.82
C GLN A 319 -4.67 -18.95 -11.23
N ALA A 320 -3.57 -18.36 -10.77
CA ALA A 320 -2.24 -18.85 -11.11
C ALA A 320 -1.32 -18.74 -9.90
N PHE A 321 -0.03 -18.97 -10.12
CA PHE A 321 0.96 -18.99 -9.05
C PHE A 321 2.07 -17.97 -9.31
N PRO A 322 2.35 -17.11 -8.33
CA PRO A 322 3.34 -16.04 -8.45
C PRO A 322 4.79 -16.52 -8.38
N LEU A 323 5.17 -17.38 -9.33
CA LEU A 323 6.56 -17.70 -9.56
C LEU A 323 7.04 -16.72 -10.62
N LEU A 324 7.80 -15.71 -10.19
CA LEU A 324 8.17 -14.58 -11.06
C LEU A 324 8.78 -15.00 -12.40
N THR A 325 8.44 -14.24 -13.44
CA THR A 325 8.74 -14.60 -14.82
C THR A 325 9.84 -13.75 -15.44
N THR A 326 10.18 -12.64 -14.76
CA THR A 326 11.13 -11.68 -15.29
C THR A 326 12.58 -12.14 -15.09
N LYS A 327 12.75 -13.17 -14.28
CA LYS A 327 13.96 -13.99 -14.21
C LYS A 327 13.57 -15.36 -13.66
N ARG A 328 14.23 -16.41 -14.15
CA ARG A 328 13.93 -17.76 -13.70
C ARG A 328 14.19 -17.90 -12.19
N VAL A 329 13.21 -18.47 -11.50
CA VAL A 329 13.30 -18.72 -10.06
C VAL A 329 13.61 -20.20 -9.83
N PHE A 330 14.56 -20.45 -8.93
CA PHE A 330 14.98 -21.81 -8.59
C PHE A 330 13.88 -22.51 -7.78
N TRP A 331 12.90 -23.05 -8.50
CA TRP A 331 11.73 -23.71 -7.89
C TRP A 331 12.10 -24.97 -7.13
N LYS A 332 12.92 -25.82 -7.74
CA LYS A 332 13.45 -27.01 -7.07
C LYS A 332 13.93 -26.64 -5.66
N GLY A 333 14.60 -25.50 -5.55
CA GLY A 333 15.10 -24.98 -4.29
C GLY A 333 14.01 -24.63 -3.30
N VAL A 334 12.97 -23.91 -3.75
CA VAL A 334 11.91 -23.46 -2.85
C VAL A 334 11.13 -24.67 -2.32
N LEU A 335 10.88 -25.63 -3.20
CA LEU A 335 10.12 -26.81 -2.85
C LEU A 335 10.91 -27.71 -1.89
N GLU A 336 12.21 -27.80 -2.12
CA GLU A 336 13.05 -28.67 -1.31
C GLU A 336 13.29 -28.09 0.08
N GLU A 337 13.47 -26.77 0.14
CA GLU A 337 13.64 -26.08 1.40
C GLU A 337 12.35 -26.09 2.24
N LEU A 338 11.21 -25.88 1.58
CA LEU A 338 9.93 -25.81 2.29
C LEU A 338 9.58 -27.15 2.93
N LEU A 339 9.81 -28.23 2.20
CA LEU A 339 9.62 -29.58 2.74
C LEU A 339 10.56 -29.81 3.92
N TRP A 340 11.78 -29.30 3.78
CA TRP A 340 12.81 -29.34 4.81
C TRP A 340 12.39 -28.59 6.07
N PHE A 341 11.73 -27.44 5.90
CA PHE A 341 11.15 -26.68 7.01
C PHE A 341 10.09 -27.50 7.74
N ILE A 342 9.15 -28.03 6.96
CA ILE A 342 8.01 -28.79 7.50
C ILE A 342 8.45 -30.03 8.27
N ARG A 343 9.63 -30.55 7.93
CA ARG A 343 10.20 -31.70 8.64
C ARG A 343 10.75 -31.29 10.00
N GLY A 344 11.08 -30.01 10.15
CA GLY A 344 11.76 -29.54 11.36
C GLY A 344 13.24 -29.87 11.29
N ASP A 345 13.71 -30.11 10.08
CA ASP A 345 15.08 -30.51 9.81
C ASP A 345 16.02 -29.32 9.86
N THR A 346 17.12 -29.48 10.59
CA THR A 346 18.11 -28.43 10.78
C THR A 346 19.48 -28.85 10.22
N ASN A 347 19.45 -29.78 9.27
CA ASN A 347 20.66 -30.25 8.59
C ASN A 347 20.70 -29.80 7.13
N ALA A 348 21.50 -28.77 6.87
CA ALA A 348 21.61 -28.15 5.55
C ALA A 348 22.28 -29.07 4.53
N ASN A 349 22.89 -30.14 5.01
CA ASN A 349 23.54 -31.12 4.14
C ASN A 349 22.50 -32.00 3.45
N HIS A 350 21.31 -32.07 4.02
CA HIS A 350 20.18 -32.77 3.40
C HIS A 350 19.63 -32.01 2.19
N LEU A 351 19.76 -30.69 2.22
CA LEU A 351 19.44 -29.87 1.06
C LEU A 351 20.60 -29.89 0.08
N SER A 352 21.81 -29.74 0.62
CA SER A 352 23.04 -29.68 -0.17
C SER A 352 23.26 -30.96 -0.98
N GLU A 353 22.84 -32.09 -0.42
CA GLU A 353 22.92 -33.38 -1.11
C GLU A 353 21.92 -33.49 -2.26
N LYS A 354 20.89 -32.64 -2.24
CA LYS A 354 19.85 -32.65 -3.26
C LYS A 354 20.07 -31.58 -4.34
N GLY A 355 21.24 -30.95 -4.31
CA GLY A 355 21.58 -29.90 -5.27
C GLY A 355 21.08 -28.53 -4.85
N VAL A 356 20.64 -28.43 -3.61
CA VAL A 356 20.13 -27.17 -3.06
C VAL A 356 21.16 -26.62 -2.07
N LYS A 357 22.01 -25.72 -2.56
CA LYS A 357 23.14 -25.22 -1.80
C LYS A 357 22.90 -23.83 -1.20
N ILE A 358 21.63 -23.47 -1.02
CA ILE A 358 21.24 -22.13 -0.56
C ILE A 358 21.68 -21.80 0.87
N TRP A 359 21.94 -22.82 1.67
CA TRP A 359 22.32 -22.63 3.07
C TRP A 359 23.79 -22.94 3.40
N ASP A 360 24.55 -23.35 2.37
CA ASP A 360 25.92 -23.83 2.56
C ASP A 360 26.92 -22.80 3.07
N LYS A 361 26.90 -21.60 2.49
CA LYS A 361 27.82 -20.53 2.88
C LYS A 361 27.65 -20.08 4.33
N ASN A 362 26.44 -20.25 4.87
CA ASN A 362 26.12 -19.83 6.23
C ASN A 362 26.26 -20.94 7.28
N VAL A 363 26.64 -22.13 6.83
CA VAL A 363 26.90 -23.26 7.75
C VAL A 363 28.32 -23.82 7.63
N THR A 364 29.22 -23.03 7.04
CA THR A 364 30.63 -23.39 6.95
C THR A 364 31.29 -23.30 8.33
N ARG A 365 32.37 -24.05 8.51
CA ARG A 365 33.18 -23.97 9.73
C ARG A 365 33.52 -22.52 10.08
N GLU A 366 33.83 -21.73 9.06
CA GLU A 366 34.23 -20.33 9.22
C GLU A 366 33.09 -19.43 9.69
N PHE A 367 31.93 -19.52 9.04
CA PHE A 367 30.78 -18.68 9.41
C PHE A 367 30.20 -19.06 10.76
N LEU A 368 30.24 -20.35 11.09
CA LEU A 368 29.81 -20.83 12.40
C LEU A 368 30.65 -20.26 13.53
N ASP A 369 31.95 -20.10 13.28
CA ASP A 369 32.88 -19.53 14.25
C ASP A 369 32.74 -18.02 14.37
N SER A 370 32.47 -17.34 13.25
CA SER A 370 32.23 -15.90 13.26
C SER A 370 30.94 -15.57 14.04
N ARG A 371 30.12 -16.60 14.24
CA ARG A 371 28.87 -16.50 14.99
C ARG A 371 29.09 -17.02 16.43
N ASN A 372 30.34 -17.35 16.76
CA ASN A 372 30.73 -17.92 18.05
C ASN A 372 29.98 -19.22 18.38
N LEU A 373 29.97 -20.12 17.41
CA LEU A 373 29.38 -21.45 17.56
C LEU A 373 30.37 -22.53 17.10
N PRO A 374 31.48 -22.73 17.85
CA PRO A 374 32.52 -23.68 17.46
C PRO A 374 32.14 -25.13 17.71
N HIS A 375 31.09 -25.35 18.48
CA HIS A 375 30.60 -26.68 18.79
C HIS A 375 29.60 -27.22 17.75
N ARG A 376 29.32 -26.40 16.74
CA ARG A 376 28.36 -26.75 15.68
C ARG A 376 29.04 -27.48 14.53
N GLU A 377 28.56 -28.68 14.26
CA GLU A 377 28.99 -29.48 13.11
C GLU A 377 28.58 -28.76 11.82
N VAL A 378 29.44 -28.80 10.81
CA VAL A 378 29.18 -28.18 9.51
C VAL A 378 27.82 -28.65 8.97
N GLY A 379 26.96 -27.69 8.62
CA GLY A 379 25.63 -28.00 8.09
C GLY A 379 24.50 -27.85 9.09
N ASP A 380 24.84 -27.48 10.32
CA ASP A 380 23.85 -27.35 11.40
C ASP A 380 23.42 -25.90 11.58
N ILE A 381 22.20 -25.59 11.14
CA ILE A 381 21.66 -24.23 11.24
C ILE A 381 21.24 -23.87 12.68
N GLY A 382 21.49 -24.79 13.62
CA GLY A 382 21.05 -24.62 15.01
C GLY A 382 19.56 -24.86 15.10
N PRO A 383 18.87 -24.21 16.05
CA PRO A 383 17.42 -24.31 16.07
C PRO A 383 16.76 -23.29 15.12
N GLY A 384 16.83 -23.56 13.82
CA GLY A 384 16.30 -22.66 12.79
C GLY A 384 14.83 -22.87 12.48
N TYR A 385 14.34 -22.17 11.45
CA TYR A 385 12.92 -22.12 11.11
C TYR A 385 12.21 -23.44 11.35
N GLY A 386 12.61 -24.46 10.61
CA GLY A 386 12.01 -25.78 10.70
C GLY A 386 11.80 -26.20 12.14
N PHE A 387 12.83 -26.02 12.95
CA PHE A 387 12.82 -26.39 14.35
C PHE A 387 11.75 -25.65 15.15
N GLN A 388 11.73 -24.32 15.03
CA GLN A 388 10.81 -23.47 15.79
C GLN A 388 9.36 -23.73 15.44
N TRP A 389 9.14 -24.09 14.18
CA TRP A 389 7.81 -24.34 13.67
C TRP A 389 7.15 -25.52 14.35
N ARG A 390 7.91 -26.59 14.47
CA ARG A 390 7.38 -27.87 14.93
C ARG A 390 7.72 -28.13 16.39
N HIS A 391 8.76 -27.46 16.89
CA HIS A 391 9.22 -27.67 18.26
C HIS A 391 9.55 -26.37 18.97
N PHE A 392 8.68 -25.35 18.83
CA PHE A 392 9.01 -24.06 19.45
C PHE A 392 9.38 -24.20 20.92
N GLY A 393 10.56 -23.68 21.26
CA GLY A 393 11.01 -23.63 22.66
C GLY A 393 11.67 -24.89 23.19
N ALA A 394 11.86 -25.89 22.32
CA ALA A 394 12.55 -27.12 22.72
C ALA A 394 14.04 -26.91 22.87
N ALA A 395 14.64 -27.62 23.83
CA ALA A 395 16.08 -27.51 24.12
C ALA A 395 16.94 -28.21 23.06
N TYR A 396 17.65 -27.42 22.28
CA TYR A 396 18.41 -27.93 21.14
C TYR A 396 19.74 -28.55 21.54
N LYS A 397 20.06 -29.68 20.91
CA LYS A 397 21.34 -30.35 21.06
C LYS A 397 22.15 -30.21 19.77
N ASP A 398 21.83 -31.04 18.78
CA ASP A 398 22.43 -30.96 17.44
C ASP A 398 21.46 -31.38 16.34
N MET A 399 21.92 -31.35 15.09
CA MET A 399 21.08 -31.63 13.93
C MET A 399 20.74 -33.11 13.72
N HIS A 400 21.24 -33.97 14.62
CA HIS A 400 21.03 -35.42 14.52
C HIS A 400 20.00 -35.96 15.54
N THR A 401 19.68 -35.15 16.56
CA THR A 401 18.75 -35.55 17.62
C THR A 401 17.28 -35.58 17.15
N ASP A 402 16.49 -36.47 17.77
CA ASP A 402 15.05 -36.48 17.54
C ASP A 402 14.34 -35.62 18.58
N TYR A 403 13.53 -34.69 18.12
CA TYR A 403 12.82 -33.76 19.00
C TYR A 403 11.32 -34.01 19.00
N THR A 404 10.92 -35.17 18.52
CA THR A 404 9.50 -35.57 18.50
C THR A 404 8.86 -35.36 19.87
N GLY A 405 7.70 -34.70 19.89
CA GLY A 405 6.97 -34.46 21.12
C GLY A 405 7.47 -33.30 21.97
N GLN A 406 8.63 -32.73 21.62
CA GLN A 406 9.20 -31.59 22.35
C GLN A 406 8.78 -30.25 21.75
N GLY A 407 8.68 -29.24 22.61
CA GLY A 407 8.26 -27.90 22.21
C GLY A 407 6.83 -27.85 21.74
N VAL A 408 6.44 -26.72 21.17
CA VAL A 408 5.10 -26.54 20.61
C VAL A 408 5.15 -26.77 19.09
N ASP A 409 4.20 -27.54 18.60
CA ASP A 409 4.05 -27.77 17.16
C ASP A 409 3.09 -26.73 16.61
N GLN A 410 3.65 -25.62 16.14
CA GLN A 410 2.87 -24.48 15.68
C GLN A 410 2.12 -24.79 14.40
N LEU A 411 2.77 -25.56 13.52
CA LEU A 411 2.16 -25.95 12.25
C LEU A 411 0.92 -26.81 12.47
N LYS A 412 1.00 -27.76 13.41
CA LYS A 412 -0.11 -28.64 13.74
C LYS A 412 -1.28 -27.86 14.36
N ASN A 413 -0.95 -26.90 15.21
CA ASN A 413 -1.94 -26.03 15.85
C ASN A 413 -2.69 -25.15 14.86
N VAL A 414 -1.95 -24.56 13.93
CA VAL A 414 -2.53 -23.69 12.90
C VAL A 414 -3.50 -24.48 12.02
N ILE A 415 -3.06 -25.67 11.60
CA ILE A 415 -3.85 -26.53 10.72
C ILE A 415 -5.14 -27.02 11.39
N GLN A 416 -5.02 -27.54 12.61
CA GLN A 416 -6.19 -28.01 13.37
C GLN A 416 -7.19 -26.88 13.64
N MET A 417 -6.67 -25.68 13.92
CA MET A 417 -7.51 -24.50 14.12
C MET A 417 -8.23 -24.10 12.83
N LEU A 418 -7.55 -24.25 11.69
CA LEU A 418 -8.14 -23.99 10.38
C LEU A 418 -9.21 -25.02 10.03
N ARG A 419 -9.06 -26.22 10.61
CA ARG A 419 -9.95 -27.34 10.34
C ARG A 419 -11.16 -27.39 11.27
N THR A 420 -11.03 -26.76 12.44
CA THR A 420 -12.09 -26.81 13.44
C THR A 420 -12.72 -25.46 13.79
N ASN A 421 -11.93 -24.38 13.73
CA ASN A 421 -12.42 -23.05 14.08
C ASN A 421 -11.80 -21.95 13.21
N PRO A 422 -12.21 -21.88 11.93
CA PRO A 422 -11.52 -21.01 10.97
C PRO A 422 -11.69 -19.50 11.18
N THR A 423 -12.56 -19.11 12.11
CA THR A 423 -12.79 -17.68 12.41
C THR A 423 -11.91 -17.16 13.56
N ASP A 424 -11.13 -18.08 14.14
CA ASP A 424 -10.17 -17.76 15.19
C ASP A 424 -9.05 -16.86 14.67
N ARG A 425 -8.69 -15.85 15.45
CA ARG A 425 -7.74 -14.83 15.00
C ARG A 425 -6.32 -15.01 15.57
N ARG A 426 -6.00 -16.23 15.97
CA ARG A 426 -4.68 -16.55 16.56
C ARG A 426 -3.96 -17.65 15.78
N MET A 427 -4.27 -17.77 14.50
CA MET A 427 -3.65 -18.78 13.64
C MET A 427 -2.32 -18.27 13.11
N LEU A 428 -1.34 -18.27 14.00
CA LEU A 428 -0.01 -17.72 13.72
C LEU A 428 1.08 -18.73 13.96
N MET A 429 2.16 -18.58 13.20
CA MET A 429 3.34 -19.41 13.33
C MET A 429 4.56 -18.50 13.33
N THR A 430 5.36 -18.58 14.40
CA THR A 430 6.53 -17.71 14.54
C THR A 430 7.84 -18.48 14.66
N ALA A 431 8.86 -17.99 13.97
CA ALA A 431 10.19 -18.58 14.02
C ALA A 431 11.12 -17.76 14.92
N TRP A 432 10.66 -16.56 15.30
CA TRP A 432 11.43 -15.67 16.14
C TRP A 432 11.37 -16.05 17.62
N ASN A 433 12.45 -16.66 18.10
CA ASN A 433 12.60 -17.03 19.50
C ASN A 433 13.84 -16.34 20.08
N PRO A 434 13.64 -15.18 20.72
CA PRO A 434 14.72 -14.37 21.27
C PRO A 434 15.61 -15.11 22.26
N ALA A 435 15.11 -16.22 22.81
CA ALA A 435 15.86 -17.04 23.75
C ALA A 435 16.89 -17.93 23.06
N ALA A 436 16.68 -18.18 21.76
CA ALA A 436 17.52 -19.11 21.02
C ALA A 436 18.25 -18.51 19.81
N LEU A 437 18.11 -17.20 19.60
CA LEU A 437 18.71 -16.52 18.45
C LEU A 437 20.22 -16.68 18.36
N ASP A 438 20.89 -16.64 19.51
CA ASP A 438 22.34 -16.77 19.58
C ASP A 438 22.85 -18.18 19.28
N GLU A 439 21.95 -19.15 19.25
CA GLU A 439 22.30 -20.53 18.95
C GLU A 439 22.16 -20.86 17.46
N MET A 440 21.37 -20.05 16.75
CA MET A 440 21.15 -20.24 15.32
C MET A 440 22.33 -19.70 14.51
N ALA A 441 22.56 -20.30 13.34
CA ALA A 441 23.58 -19.81 12.41
C ALA A 441 23.19 -18.44 11.86
N LEU A 442 21.89 -18.25 11.65
CA LEU A 442 21.36 -17.00 11.15
C LEU A 442 19.98 -16.77 11.78
N PRO A 443 19.75 -15.57 12.33
CA PRO A 443 18.41 -15.22 12.80
C PRO A 443 17.42 -15.26 11.63
N PRO A 444 16.23 -15.86 11.85
CA PRO A 444 15.25 -16.03 10.79
C PRO A 444 14.82 -14.72 10.13
N CYS A 445 14.74 -14.71 8.81
CA CYS A 445 14.30 -13.52 8.11
C CYS A 445 12.79 -13.48 7.98
N HIS A 446 12.24 -14.51 7.36
CA HIS A 446 10.80 -14.73 7.43
C HIS A 446 10.51 -15.33 8.80
N LEU A 447 9.92 -14.52 9.66
CA LEU A 447 9.82 -14.86 11.07
C LEU A 447 8.40 -15.15 11.55
N LEU A 448 7.39 -14.72 10.79
CA LEU A 448 6.02 -14.84 11.23
C LEU A 448 5.02 -14.92 10.07
N CYS A 449 4.06 -15.83 10.19
CA CYS A 449 3.00 -15.94 9.19
C CYS A 449 1.64 -16.15 9.88
N GLN A 450 0.60 -15.53 9.32
CA GLN A 450 -0.74 -15.61 9.87
C GLN A 450 -1.75 -16.00 8.79
N PHE A 451 -2.72 -16.83 9.17
CA PHE A 451 -3.70 -17.35 8.23
C PHE A 451 -5.10 -16.82 8.47
N TYR A 452 -5.92 -16.86 7.43
CA TYR A 452 -7.26 -16.24 7.44
C TYR A 452 -8.17 -16.97 6.47
N VAL A 453 -9.38 -17.29 6.94
CA VAL A 453 -10.40 -17.93 6.10
C VAL A 453 -11.62 -17.01 6.03
N ASN A 454 -12.21 -16.87 4.85
CA ASN A 454 -13.36 -15.99 4.66
C ASN A 454 -14.70 -16.75 4.52
N ASP A 455 -15.73 -16.01 4.09
CA ASP A 455 -17.06 -16.56 3.76
C ASP A 455 -17.01 -17.85 2.94
N GLN A 456 -16.20 -17.84 1.89
CA GLN A 456 -16.26 -18.85 0.83
C GLN A 456 -15.20 -19.95 0.98
N LYS A 457 -14.76 -20.21 2.20
CA LYS A 457 -13.72 -21.20 2.50
C LYS A 457 -12.43 -20.93 1.71
N GLU A 458 -12.07 -19.65 1.59
CA GLU A 458 -10.89 -19.23 0.86
C GLU A 458 -9.79 -18.81 1.83
N LEU A 459 -8.60 -19.39 1.65
CA LEU A 459 -7.46 -19.19 2.56
C LEU A 459 -6.45 -18.16 2.06
N SER A 460 -6.15 -17.19 2.92
CA SER A 460 -5.14 -16.16 2.66
C SER A 460 -4.03 -16.22 3.70
N CYS A 461 -2.82 -15.86 3.29
CA CYS A 461 -1.67 -15.92 4.19
C CYS A 461 -0.77 -14.68 4.14
N ILE A 462 -0.54 -14.10 5.32
CA ILE A 462 0.41 -13.01 5.52
C ILE A 462 1.73 -13.59 5.99
N MET A 463 2.83 -13.08 5.45
CA MET A 463 4.15 -13.40 5.98
C MET A 463 4.96 -12.14 6.24
N TYR A 464 5.34 -11.95 7.50
CA TYR A 464 6.23 -10.86 7.86
C TYR A 464 7.68 -11.32 7.78
N GLN A 465 8.48 -10.52 7.07
CA GLN A 465 9.90 -10.78 6.87
C GLN A 465 10.63 -9.52 7.34
N ARG A 466 11.66 -9.71 8.18
CA ARG A 466 12.38 -8.58 8.79
C ARG A 466 13.43 -7.95 7.89
N SER A 467 13.98 -8.75 6.98
CA SER A 467 15.09 -8.32 6.13
C SER A 467 14.93 -8.94 4.74
N CYS A 468 14.82 -8.09 3.72
CA CYS A 468 14.51 -8.57 2.37
C CYS A 468 15.60 -8.28 1.33
N ASP A 469 16.28 -9.32 0.88
CA ASP A 469 17.19 -9.19 -0.25
C ASP A 469 16.34 -9.20 -1.52
N VAL A 470 16.00 -8.01 -1.99
CA VAL A 470 15.06 -7.83 -3.10
C VAL A 470 15.53 -8.50 -4.39
N GLY A 471 16.83 -8.43 -4.65
CA GLY A 471 17.41 -9.04 -5.84
C GLY A 471 17.37 -10.56 -5.81
N LEU A 472 17.86 -11.15 -4.72
CA LEU A 472 18.03 -12.60 -4.63
C LEU A 472 16.89 -13.30 -3.88
N GLY A 473 16.67 -12.91 -2.63
CA GLY A 473 15.78 -13.62 -1.73
C GLY A 473 14.29 -13.52 -1.97
N VAL A 474 13.82 -12.30 -2.27
CA VAL A 474 12.38 -12.00 -2.34
C VAL A 474 11.57 -12.86 -3.33
N PRO A 475 12.02 -13.00 -4.59
CA PRO A 475 11.26 -13.87 -5.51
C PRO A 475 11.14 -15.31 -5.01
N PHE A 476 12.18 -15.77 -4.30
CA PHE A 476 12.23 -17.09 -3.69
C PHE A 476 11.22 -17.19 -2.55
N ASN A 477 11.19 -16.17 -1.69
CA ASN A 477 10.29 -16.10 -0.54
C ASN A 477 8.81 -15.98 -0.89
N ILE A 478 8.52 -15.24 -1.97
CA ILE A 478 7.15 -15.12 -2.48
C ILE A 478 6.63 -16.50 -2.88
N ALA A 479 7.44 -17.23 -3.64
CA ALA A 479 7.09 -18.57 -4.10
C ALA A 479 6.98 -19.55 -2.93
N SER A 480 7.87 -19.41 -1.96
CA SER A 480 7.96 -20.34 -0.83
C SER A 480 6.67 -20.36 0.01
N TYR A 481 6.22 -19.18 0.44
CA TYR A 481 5.02 -19.07 1.28
C TYR A 481 3.72 -19.19 0.49
N SER A 482 3.77 -18.90 -0.80
CA SER A 482 2.63 -19.12 -1.69
C SER A 482 2.37 -20.61 -1.84
N LEU A 483 3.46 -21.38 -1.87
CA LEU A 483 3.38 -22.83 -1.92
C LEU A 483 2.86 -23.41 -0.61
N LEU A 484 3.30 -22.83 0.51
CA LEU A 484 2.84 -23.23 1.84
C LEU A 484 1.33 -23.04 1.96
N THR A 485 0.83 -21.90 1.49
CA THR A 485 -0.60 -21.62 1.48
C THR A 485 -1.36 -22.65 0.64
N LEU A 486 -0.85 -23.00 -0.54
CA LEU A 486 -1.46 -24.04 -1.38
C LEU A 486 -1.54 -25.36 -0.65
N MET A 487 -0.43 -25.74 -0.01
CA MET A 487 -0.31 -26.98 0.74
C MET A 487 -1.27 -27.02 1.92
N VAL A 488 -1.31 -25.93 2.68
CA VAL A 488 -2.18 -25.84 3.85
C VAL A 488 -3.66 -25.76 3.45
N ALA A 489 -3.95 -25.09 2.33
CA ALA A 489 -5.31 -25.03 1.80
C ALA A 489 -5.83 -26.43 1.48
N HIS A 490 -5.00 -27.22 0.82
CA HIS A 490 -5.36 -28.59 0.42
C HIS A 490 -5.69 -29.46 1.62
N VAL A 491 -4.80 -29.44 2.61
CA VAL A 491 -4.91 -30.29 3.80
C VAL A 491 -6.13 -29.93 4.67
N CYS A 492 -6.61 -28.69 4.57
CA CYS A 492 -7.73 -28.23 5.38
C CYS A 492 -9.01 -28.07 4.59
N ASN A 493 -9.05 -28.67 3.40
CA ASN A 493 -10.20 -28.57 2.49
C ASN A 493 -10.59 -27.12 2.16
N LEU A 494 -9.60 -26.35 1.71
CA LEU A 494 -9.79 -24.92 1.45
C LEU A 494 -9.26 -24.48 0.10
N LYS A 495 -9.72 -23.32 -0.34
CA LYS A 495 -9.30 -22.71 -1.58
C LYS A 495 -8.19 -21.68 -1.32
N PRO A 496 -7.04 -21.82 -1.98
CA PRO A 496 -6.03 -20.77 -1.84
C PRO A 496 -6.47 -19.48 -2.53
N LYS A 497 -6.48 -18.37 -1.78
CA LYS A 497 -6.94 -17.09 -2.31
C LYS A 497 -5.81 -16.10 -2.54
N GLU A 498 -5.00 -15.87 -1.51
CA GLU A 498 -4.05 -14.77 -1.52
C GLU A 498 -2.85 -14.99 -0.61
N PHE A 499 -1.69 -14.53 -1.08
CA PHE A 499 -0.51 -14.37 -0.25
C PHE A 499 -0.19 -12.89 -0.12
N ILE A 500 0.03 -12.44 1.11
CA ILE A 500 0.34 -11.04 1.39
C ILE A 500 1.73 -10.93 2.01
N HIS A 501 2.57 -10.11 1.39
CA HIS A 501 3.96 -10.00 1.81
C HIS A 501 4.24 -8.71 2.58
N PHE A 502 4.53 -8.87 3.87
CA PHE A 502 4.94 -7.74 4.69
C PHE A 502 6.45 -7.75 4.88
N MET A 503 7.08 -6.66 4.49
CA MET A 503 8.53 -6.56 4.46
C MET A 503 9.01 -5.49 5.42
N GLY A 504 10.03 -5.83 6.20
CA GLY A 504 10.66 -4.87 7.11
C GLY A 504 11.73 -4.09 6.37
N ASN A 505 12.98 -4.42 6.69
CA ASN A 505 14.13 -3.84 6.02
C ASN A 505 14.16 -4.34 4.58
N THR A 506 13.71 -3.51 3.66
CA THR A 506 13.68 -3.86 2.24
C THR A 506 14.85 -3.16 1.55
N HIS A 507 15.67 -3.94 0.85
CA HIS A 507 16.93 -3.42 0.32
C HIS A 507 17.40 -4.17 -0.94
N VAL A 508 18.29 -3.52 -1.68
CA VAL A 508 19.03 -4.15 -2.75
C VAL A 508 20.52 -3.85 -2.55
N TYR A 509 21.34 -4.91 -2.65
CA TYR A 509 22.78 -4.77 -2.50
C TYR A 509 23.38 -4.02 -3.69
N THR A 510 24.39 -3.20 -3.43
CA THR A 510 25.01 -2.36 -4.45
C THR A 510 25.59 -3.15 -5.64
N ASN A 511 26.07 -4.36 -5.36
CA ASN A 511 26.57 -5.25 -6.42
C ASN A 511 25.47 -5.96 -7.24
N HIS A 512 24.21 -5.64 -6.96
CA HIS A 512 23.08 -6.18 -7.72
C HIS A 512 22.43 -5.16 -8.66
N VAL A 513 22.62 -3.87 -8.37
CA VAL A 513 21.93 -2.77 -9.06
C VAL A 513 22.01 -2.82 -10.59
N GLU A 514 23.18 -3.14 -11.11
N GLU A 514 23.19 -3.13 -11.12
CA GLU A 514 23.42 -3.21 -12.55
CA GLU A 514 23.39 -3.19 -12.57
C GLU A 514 22.58 -4.31 -13.21
C GLU A 514 22.54 -4.30 -13.20
N ALA A 515 22.58 -5.48 -12.59
CA ALA A 515 21.81 -6.64 -13.06
C ALA A 515 20.30 -6.42 -12.91
N LEU A 516 19.91 -5.69 -11.87
CA LEU A 516 18.50 -5.39 -11.61
C LEU A 516 17.93 -4.41 -12.63
N LYS A 517 18.79 -3.50 -13.13
CA LYS A 517 18.39 -2.56 -14.17
C LYS A 517 18.12 -3.27 -15.49
N GLU A 518 18.93 -4.28 -15.79
CA GLU A 518 18.71 -5.16 -16.93
C GLU A 518 17.36 -5.87 -16.81
N GLN A 519 17.06 -6.32 -15.60
CA GLN A 519 15.82 -7.04 -15.30
C GLN A 519 14.60 -6.16 -15.53
N LEU A 520 14.72 -4.86 -15.25
CA LEU A 520 13.60 -3.93 -15.39
C LEU A 520 13.23 -3.62 -16.85
N ARG A 521 14.10 -4.00 -17.79
CA ARG A 521 13.84 -3.83 -19.22
C ARG A 521 12.99 -4.97 -19.79
N ARG A 522 12.77 -5.99 -18.96
CA ARG A 522 12.00 -7.17 -19.37
C ARG A 522 10.55 -7.04 -18.91
N GLU A 523 9.62 -7.24 -19.84
CA GLU A 523 8.19 -7.26 -19.49
C GLU A 523 7.75 -8.66 -19.07
N PRO A 524 6.99 -8.77 -17.97
CA PRO A 524 6.61 -10.05 -17.38
C PRO A 524 5.76 -10.93 -18.29
N ARG A 525 5.91 -12.24 -18.14
CA ARG A 525 5.14 -13.23 -18.87
C ARG A 525 4.00 -13.73 -17.97
N PRO A 526 3.00 -14.41 -18.54
CA PRO A 526 1.94 -14.95 -17.69
C PRO A 526 2.47 -15.90 -16.62
N PHE A 527 1.89 -15.84 -15.42
CA PHE A 527 2.25 -16.71 -14.30
C PHE A 527 1.90 -18.16 -14.57
N PRO A 528 2.71 -19.10 -14.06
CA PRO A 528 2.42 -20.52 -14.24
C PRO A 528 1.38 -21.02 -13.26
N ILE A 529 0.92 -22.26 -13.46
CA ILE A 529 0.02 -22.92 -12.53
C ILE A 529 0.79 -23.97 -11.76
N VAL A 530 0.63 -23.99 -10.44
CA VAL A 530 1.19 -25.06 -9.60
C VAL A 530 0.09 -26.03 -9.22
N ASN A 531 0.24 -27.29 -9.65
CA ASN A 531 -0.71 -28.34 -9.36
C ASN A 531 -0.20 -29.30 -8.31
N ILE A 532 -1.07 -29.64 -7.37
CA ILE A 532 -0.77 -30.69 -6.42
C ILE A 532 -1.20 -32.02 -7.02
N LEU A 533 -0.23 -32.88 -7.30
CA LEU A 533 -0.50 -34.22 -7.80
C LEU A 533 -0.78 -35.14 -6.62
N ASN A 534 -1.50 -36.22 -6.88
CA ASN A 534 -1.82 -37.25 -5.88
C ASN A 534 -2.59 -36.70 -4.67
N LYS A 535 -3.59 -35.85 -4.95
CA LYS A 535 -4.39 -35.20 -3.90
C LYS A 535 -5.03 -36.18 -2.91
N GLU A 536 -5.51 -37.31 -3.44
CA GLU A 536 -6.17 -38.36 -2.65
C GLU A 536 -5.25 -38.94 -1.57
N ARG A 537 -3.99 -39.15 -1.93
CA ARG A 537 -3.00 -39.72 -1.02
C ARG A 537 -2.61 -38.76 0.10
N ILE A 538 -2.65 -37.46 -0.19
CA ILE A 538 -2.18 -36.44 0.75
C ILE A 538 -3.31 -35.89 1.63
N LYS A 539 -3.20 -36.15 2.92
CA LYS A 539 -4.24 -35.82 3.90
C LYS A 539 -3.69 -34.99 5.05
N GLU A 540 -2.39 -35.08 5.29
CA GLU A 540 -1.70 -34.31 6.32
C GLU A 540 -0.51 -33.54 5.73
N ILE A 541 -0.13 -32.44 6.38
CA ILE A 541 0.93 -31.56 5.88
C ILE A 541 2.30 -32.25 5.75
N ASP A 542 2.46 -33.38 6.43
CA ASP A 542 3.69 -34.14 6.35
C ASP A 542 3.69 -35.16 5.21
N ASP A 543 2.54 -35.30 4.53
CA ASP A 543 2.37 -36.28 3.45
C ASP A 543 2.92 -35.82 2.09
N PHE A 544 3.19 -34.52 1.97
CA PHE A 544 3.72 -33.95 0.73
C PHE A 544 5.18 -34.34 0.49
N THR A 545 5.46 -34.81 -0.72
CA THR A 545 6.82 -35.14 -1.12
C THR A 545 7.25 -34.22 -2.27
N ALA A 546 8.52 -34.34 -2.65
CA ALA A 546 9.09 -33.55 -3.74
C ALA A 546 8.36 -33.77 -5.07
N GLU A 547 7.78 -34.96 -5.24
CA GLU A 547 7.17 -35.36 -6.51
C GLU A 547 5.64 -35.20 -6.55
N ASP A 548 5.08 -34.46 -5.60
CA ASP A 548 3.63 -34.25 -5.56
C ASP A 548 3.21 -32.94 -6.24
N PHE A 549 4.15 -32.31 -6.94
CA PHE A 549 3.94 -30.98 -7.51
C PHE A 549 4.30 -30.92 -8.97
N GLU A 550 3.62 -30.03 -9.68
CA GLU A 550 3.81 -29.86 -11.10
C GLU A 550 3.64 -28.37 -11.44
N VAL A 551 4.68 -27.78 -12.01
CA VAL A 551 4.61 -26.40 -12.48
C VAL A 551 4.22 -26.43 -13.95
N VAL A 552 3.21 -25.64 -14.31
CA VAL A 552 2.61 -25.72 -15.63
C VAL A 552 2.66 -24.38 -16.37
N GLY A 553 3.31 -24.39 -17.55
CA GLY A 553 3.42 -23.22 -18.40
C GLY A 553 4.33 -22.10 -17.93
N TYR A 554 5.43 -22.47 -17.27
CA TYR A 554 6.39 -21.49 -16.77
C TYR A 554 7.38 -21.09 -17.86
N VAL A 555 7.26 -19.85 -18.32
CA VAL A 555 8.12 -19.32 -19.41
C VAL A 555 8.81 -18.04 -18.94
N PRO A 556 9.82 -18.16 -18.06
CA PRO A 556 10.49 -16.95 -17.61
C PRO A 556 11.57 -16.47 -18.59
N HIS A 557 12.13 -15.29 -18.32
CA HIS A 557 13.32 -14.83 -19.01
C HIS A 557 14.54 -15.58 -18.48
N GLY A 558 15.70 -15.36 -19.08
CA GLY A 558 16.93 -16.04 -18.66
C GLY A 558 17.37 -15.70 -17.24
N ARG A 559 18.05 -16.65 -16.59
CA ARG A 559 18.64 -16.45 -15.27
C ARG A 559 19.58 -15.24 -15.25
N ILE A 560 19.55 -14.50 -14.15
CA ILE A 560 20.50 -13.42 -13.92
C ILE A 560 21.39 -13.78 -12.73
N GLN A 561 22.70 -13.74 -12.95
CA GLN A 561 23.67 -14.02 -11.90
C GLN A 561 23.77 -12.89 -10.88
N MET A 562 23.52 -13.25 -9.62
CA MET A 562 23.61 -12.31 -8.50
C MET A 562 24.22 -13.01 -7.30
N GLU A 563 25.38 -12.49 -6.87
CA GLU A 563 26.14 -13.06 -5.75
C GLU A 563 25.44 -12.85 -4.41
N MET A 564 25.44 -13.89 -3.57
CA MET A 564 24.90 -13.81 -2.22
C MET A 564 25.89 -13.07 -1.31
N ALA A 565 25.42 -11.99 -0.68
CA ALA A 565 26.20 -11.28 0.32
C ALA A 565 26.38 -12.19 1.54
N VAL A 566 27.58 -12.76 1.67
CA VAL A 566 27.86 -13.85 2.61
C VAL A 566 27.76 -13.50 4.09
N PRO B 4 -14.27 38.39 -8.54
CA PRO B 4 -14.08 37.11 -7.87
C PRO B 4 -12.79 37.06 -7.04
N VAL B 5 -12.95 37.02 -5.72
CA VAL B 5 -11.82 37.20 -4.80
C VAL B 5 -11.55 35.97 -3.92
N CYS B 6 -10.31 35.86 -3.46
CA CYS B 6 -9.87 34.77 -2.59
C CYS B 6 -9.22 35.31 -1.31
N LEU B 7 -9.62 34.75 -0.16
CA LEU B 7 -9.07 35.15 1.14
C LEU B 7 -7.96 34.22 1.59
N VAL B 8 -6.92 34.79 2.21
CA VAL B 8 -5.79 34.01 2.71
C VAL B 8 -5.45 34.36 4.16
N VAL B 9 -5.53 33.34 5.03
CA VAL B 9 -5.49 33.55 6.49
C VAL B 9 -4.72 32.48 7.26
N ALA B 10 -4.11 32.91 8.36
CA ALA B 10 -3.58 31.98 9.37
C ALA B 10 -4.36 32.20 10.66
N MET B 11 -4.75 31.10 11.30
CA MET B 11 -5.82 31.17 12.31
C MET B 11 -5.69 30.14 13.43
N THR B 12 -5.92 30.58 14.67
CA THR B 12 -6.03 29.67 15.81
C THR B 12 -7.41 29.00 15.80
N PRO B 13 -7.58 27.89 16.57
CA PRO B 13 -8.87 27.17 16.56
C PRO B 13 -10.05 28.04 16.97
N LYS B 14 -9.77 29.12 17.68
CA LYS B 14 -10.81 30.06 18.10
C LYS B 14 -10.81 31.32 17.25
N ARG B 15 -10.36 31.18 16.01
CA ARG B 15 -10.39 32.24 14.98
C ARG B 15 -9.43 33.41 15.21
N GLY B 16 -8.54 33.28 16.19
CA GLY B 16 -7.57 34.32 16.53
C GLY B 16 -6.53 34.51 15.45
N ILE B 17 -6.33 35.76 15.04
CA ILE B 17 -5.40 36.07 13.95
C ILE B 17 -4.25 37.01 14.37
N GLY B 18 -4.48 37.84 15.38
CA GLY B 18 -3.49 38.84 15.78
C GLY B 18 -3.58 39.39 17.19
N ILE B 19 -2.50 40.03 17.62
CA ILE B 19 -2.40 40.69 18.93
C ILE B 19 -1.32 41.77 18.90
N ASN B 20 -1.62 42.93 19.47
CA ASN B 20 -0.72 44.10 19.46
C ASN B 20 -0.20 44.48 18.07
N ASN B 21 -1.11 44.51 17.09
CA ASN B 21 -0.76 44.70 15.68
C ASN B 21 0.38 43.80 15.20
N GLY B 22 0.44 42.59 15.76
CA GLY B 22 1.43 41.58 15.42
C GLY B 22 0.84 40.20 15.45
N LEU B 23 1.57 39.21 14.93
CA LEU B 23 1.08 37.84 14.88
C LEU B 23 1.17 37.19 16.27
N PRO B 24 0.19 36.35 16.62
CA PRO B 24 0.11 35.72 17.95
C PRO B 24 1.21 34.69 18.22
N TRP B 25 1.65 33.99 17.18
CA TRP B 25 2.58 32.87 17.29
C TRP B 25 4.03 33.25 16.92
N PRO B 26 5.00 32.36 17.20
CA PRO B 26 6.35 32.49 16.63
C PRO B 26 6.36 32.29 15.11
N HIS B 27 7.50 32.54 14.47
CA HIS B 27 7.58 32.49 13.01
C HIS B 27 7.28 31.10 12.46
N LEU B 28 6.37 31.04 11.49
CA LEU B 28 6.03 29.80 10.81
C LEU B 28 6.50 29.88 9.37
N THR B 29 7.73 29.42 9.14
CA THR B 29 8.40 29.58 7.84
C THR B 29 7.64 28.98 6.66
N THR B 30 7.10 27.77 6.85
CA THR B 30 6.32 27.10 5.80
C THR B 30 5.09 27.92 5.43
N ASP B 31 4.42 28.47 6.44
CA ASP B 31 3.26 29.34 6.24
C ASP B 31 3.59 30.54 5.36
N PHE B 32 4.75 31.16 5.58
CA PHE B 32 5.19 32.29 4.77
C PHE B 32 5.53 31.89 3.34
N LYS B 33 6.11 30.69 3.20
CA LYS B 33 6.37 30.13 1.88
C LYS B 33 5.05 29.92 1.14
N HIS B 34 4.05 29.44 1.88
CA HIS B 34 2.70 29.21 1.37
C HIS B 34 2.03 30.51 0.93
N PHE B 35 2.10 31.51 1.81
CA PHE B 35 1.50 32.83 1.57
C PHE B 35 2.09 33.48 0.33
N SER B 36 3.42 33.40 0.22
CA SER B 36 4.15 33.94 -0.92
C SER B 36 3.74 33.25 -2.22
N ARG B 37 3.79 31.92 -2.23
CA ARG B 37 3.55 31.14 -3.45
C ARG B 37 2.14 31.31 -4.00
N VAL B 38 1.15 31.29 -3.12
CA VAL B 38 -0.25 31.42 -3.53
C VAL B 38 -0.53 32.81 -4.11
N THR B 39 0.01 33.83 -3.47
CA THR B 39 -0.24 35.22 -3.85
C THR B 39 0.56 35.71 -5.08
N LYS B 40 1.73 35.10 -5.33
CA LYS B 40 2.60 35.57 -6.41
C LYS B 40 2.36 34.89 -7.76
N THR B 41 2.03 33.60 -7.73
CA THR B 41 2.01 32.77 -8.94
C THR B 41 0.93 33.13 -9.97
N THR B 42 1.33 33.14 -11.24
CA THR B 42 0.49 33.50 -12.38
C THR B 42 0.98 32.70 -13.60
N PRO B 43 0.09 32.42 -14.59
CA PRO B 43 0.55 31.74 -15.80
C PRO B 43 1.60 32.52 -16.60
N ALA B 46 3.57 35.50 -17.48
CA ALA B 46 3.30 36.09 -18.78
C ALA B 46 3.12 37.61 -18.69
N SER B 47 1.95 38.11 -19.08
CA SER B 47 1.67 39.55 -19.05
C SER B 47 1.20 40.06 -17.67
N ARG B 48 0.51 39.22 -16.90
CA ARG B 48 -0.25 39.67 -15.70
C ARG B 48 0.40 39.48 -14.31
N PHE B 49 -0.14 40.19 -13.30
CA PHE B 49 0.22 40.03 -11.85
C PHE B 49 -1.02 39.96 -10.93
N ASN B 50 -0.84 39.40 -9.72
CA ASN B 50 -1.92 39.31 -8.72
C ASN B 50 -1.97 40.50 -7.76
N ALA B 51 -3.17 40.81 -7.26
CA ALA B 51 -3.37 41.93 -6.35
C ALA B 51 -3.61 41.47 -4.91
N VAL B 52 -3.00 42.19 -3.96
CA VAL B 52 -3.23 41.95 -2.53
C VAL B 52 -3.89 43.16 -1.85
N VAL B 53 -5.13 42.97 -1.41
CA VAL B 53 -5.89 44.03 -0.74
C VAL B 53 -5.83 43.82 0.76
N MET B 54 -5.30 44.82 1.48
CA MET B 54 -5.11 44.73 2.92
C MET B 54 -5.58 45.97 3.68
N GLY B 55 -5.94 45.77 4.94
CA GLY B 55 -6.30 46.87 5.84
C GLY B 55 -5.10 47.69 6.24
N ARG B 56 -5.36 48.86 6.81
CA ARG B 56 -4.30 49.82 7.16
C ARG B 56 -3.37 49.28 8.26
N LYS B 57 -3.95 48.62 9.25
CA LYS B 57 -3.18 48.07 10.36
C LYS B 57 -2.34 46.87 9.94
N THR B 58 -2.90 46.04 9.05
CA THR B 58 -2.18 44.93 8.44
C THR B 58 -0.92 45.46 7.75
N TRP B 59 -1.08 46.50 6.93
CA TRP B 59 0.05 47.16 6.28
C TRP B 59 1.11 47.58 7.31
N GLU B 60 0.65 48.22 8.38
CA GLU B 60 1.54 48.74 9.43
C GLU B 60 2.14 47.65 10.31
N SER B 61 1.54 46.46 10.28
CA SER B 61 2.06 45.31 11.01
C SER B 61 3.27 44.68 10.31
N MET B 62 3.31 44.82 8.99
CA MET B 62 4.43 44.34 8.18
C MET B 62 5.68 45.17 8.44
N PRO B 63 6.85 44.52 8.54
CA PRO B 63 8.11 45.25 8.64
C PRO B 63 8.47 45.95 7.33
N ARG B 64 9.19 47.06 7.44
CA ARG B 64 9.49 47.97 6.33
C ARG B 64 10.00 47.29 5.06
N LYS B 65 11.02 46.44 5.22
CA LYS B 65 11.74 45.85 4.08
C LYS B 65 10.89 44.93 3.20
N PHE B 66 9.80 44.40 3.75
CA PHE B 66 8.91 43.50 3.00
C PHE B 66 7.72 44.21 2.35
N ARG B 67 7.51 45.48 2.71
CA ARG B 67 6.41 46.25 2.15
C ARG B 67 6.87 47.34 1.17
N PRO B 68 6.18 47.48 0.01
CA PRO B 68 5.03 46.67 -0.41
C PRO B 68 5.43 45.22 -0.73
N LEU B 69 4.46 44.32 -0.73
CA LEU B 69 4.71 42.93 -1.12
C LEU B 69 5.14 42.86 -2.58
N VAL B 70 6.34 42.34 -2.80
CA VAL B 70 6.97 42.32 -4.13
C VAL B 70 6.14 41.54 -5.17
N ASP B 71 6.21 42.00 -6.42
CA ASP B 71 5.56 41.35 -7.57
C ASP B 71 4.04 41.19 -7.44
N ARG B 72 3.44 42.05 -6.63
CA ARG B 72 1.99 42.09 -6.46
C ARG B 72 1.54 43.52 -6.28
N LEU B 73 0.42 43.86 -6.93
CA LEU B 73 -0.20 45.16 -6.71
C LEU B 73 -0.68 45.23 -5.27
N ASN B 74 -0.23 46.27 -4.56
CA ASN B 74 -0.59 46.48 -3.16
C ASN B 74 -1.66 47.55 -2.99
N ILE B 75 -2.83 47.13 -2.53
CA ILE B 75 -3.92 48.07 -2.24
C ILE B 75 -4.17 48.10 -0.74
N VAL B 76 -4.13 49.29 -0.15
CA VAL B 76 -4.38 49.45 1.28
C VAL B 76 -5.71 50.17 1.50
N VAL B 77 -6.65 49.49 2.14
CA VAL B 77 -7.93 50.09 2.47
C VAL B 77 -7.76 50.93 3.73
N SER B 78 -8.00 52.24 3.60
CA SER B 78 -7.74 53.21 4.65
C SER B 78 -8.44 54.54 4.32
N SER B 79 -8.71 55.33 5.36
CA SER B 79 -9.24 56.68 5.19
C SER B 79 -8.24 57.73 5.69
N SER B 80 -7.32 57.31 6.54
CA SER B 80 -6.32 58.18 7.12
C SER B 80 -5.02 58.20 6.32
N LEU B 81 -4.49 57.02 5.98
CA LEU B 81 -3.29 56.91 5.15
C LEU B 81 -3.54 57.40 3.73
N LYS B 82 -2.54 58.08 3.17
CA LYS B 82 -2.61 58.59 1.80
C LYS B 82 -1.55 57.93 0.93
N GLU B 83 -1.82 57.85 -0.37
CA GLU B 83 -0.91 57.21 -1.33
C GLU B 83 0.50 57.78 -1.24
N GLU B 84 0.62 59.09 -1.01
CA GLU B 84 1.91 59.74 -0.86
C GLU B 84 2.63 59.39 0.45
N ASP B 85 1.86 59.11 1.51
CA ASP B 85 2.44 58.67 2.78
C ASP B 85 3.30 57.41 2.58
N ILE B 86 2.77 56.46 1.82
CA ILE B 86 3.45 55.20 1.52
C ILE B 86 4.60 55.42 0.53
N ALA B 87 4.38 56.27 -0.47
CA ALA B 87 5.40 56.59 -1.46
C ALA B 87 6.62 57.22 -0.79
N ALA B 88 6.37 58.13 0.15
CA ALA B 88 7.42 58.79 0.92
C ALA B 88 8.13 57.84 1.89
N GLU B 89 7.41 56.79 2.31
CA GLU B 89 7.95 55.77 3.20
C GLU B 89 9.19 55.09 2.63
N LYS B 90 9.12 54.68 1.37
CA LYS B 90 10.23 54.02 0.68
C LYS B 90 10.16 54.29 -0.83
N PRO B 91 11.33 54.50 -1.47
CA PRO B 91 11.37 54.69 -2.93
C PRO B 91 10.85 53.48 -3.72
N GLN B 92 9.96 53.73 -4.67
CA GLN B 92 9.35 52.70 -5.51
C GLN B 92 10.37 52.05 -6.45
N ALA B 93 10.61 50.76 -6.23
CA ALA B 93 11.55 49.98 -7.06
C ALA B 93 11.04 49.83 -8.49
N GLU B 94 11.97 49.87 -9.45
CA GLU B 94 11.65 49.79 -10.88
C GLU B 94 10.88 48.51 -11.21
N GLY B 95 9.86 48.66 -12.07
CA GLY B 95 9.06 47.53 -12.53
C GLY B 95 7.95 47.11 -11.57
N GLN B 96 7.97 47.65 -10.35
CA GLN B 96 6.95 47.36 -9.35
C GLN B 96 5.77 48.33 -9.47
N GLN B 97 4.58 47.86 -9.10
CA GLN B 97 3.38 48.69 -9.10
C GLN B 97 3.37 49.71 -7.98
N ARG B 98 2.76 50.87 -8.25
CA ARG B 98 2.61 51.90 -7.24
C ARG B 98 1.51 51.51 -6.25
N VAL B 99 1.75 51.78 -4.97
CA VAL B 99 0.83 51.38 -3.90
C VAL B 99 -0.40 52.29 -3.88
N ARG B 100 -1.56 51.69 -4.15
CA ARG B 100 -2.82 52.43 -4.20
C ARG B 100 -3.56 52.37 -2.85
N VAL B 101 -4.39 53.38 -2.59
CA VAL B 101 -5.20 53.43 -1.37
C VAL B 101 -6.67 53.68 -1.73
N CYS B 102 -7.56 52.88 -1.14
CA CYS B 102 -9.00 53.04 -1.33
C CYS B 102 -9.76 53.20 -0.01
N ALA B 103 -10.92 53.85 -0.08
CA ALA B 103 -11.72 54.17 1.10
C ALA B 103 -12.44 52.97 1.69
N SER B 104 -12.84 52.03 0.81
CA SER B 104 -13.53 50.81 1.23
C SER B 104 -13.10 49.63 0.37
N LEU B 105 -13.59 48.44 0.71
CA LEU B 105 -13.36 47.25 -0.12
C LEU B 105 -14.08 47.37 -1.49
N PRO B 106 -15.39 47.73 -1.49
CA PRO B 106 -16.07 47.97 -2.78
C PRO B 106 -15.31 48.96 -3.66
N ALA B 107 -14.66 49.93 -3.03
CA ALA B 107 -13.83 50.90 -3.73
C ALA B 107 -12.60 50.24 -4.36
N ALA B 108 -11.92 49.39 -3.58
CA ALA B 108 -10.74 48.68 -4.04
C ALA B 108 -11.03 47.73 -5.19
N LEU B 109 -12.23 47.13 -5.17
CA LEU B 109 -12.67 46.22 -6.23
C LEU B 109 -13.04 46.96 -7.51
N SER B 110 -13.63 48.14 -7.37
CA SER B 110 -13.96 49.00 -8.52
C SER B 110 -12.70 49.54 -9.20
N LEU B 111 -11.71 49.90 -8.39
CA LEU B 111 -10.40 50.33 -8.89
C LEU B 111 -9.73 49.23 -9.71
N LEU B 112 -9.86 47.99 -9.23
CA LEU B 112 -9.37 46.81 -9.94
C LEU B 112 -10.10 46.60 -11.26
N GLU B 113 -11.41 46.83 -11.26
CA GLU B 113 -12.23 46.74 -12.46
C GLU B 113 -11.92 47.85 -13.46
N GLU B 114 -11.78 49.08 -12.95
CA GLU B 114 -11.59 50.26 -13.80
C GLU B 114 -10.20 50.37 -14.42
N GLU B 115 -9.19 50.52 -13.59
CA GLU B 115 -7.84 50.84 -14.05
C GLU B 115 -6.91 49.63 -14.15
N TYR B 116 -7.41 48.46 -13.74
CA TYR B 116 -6.55 47.28 -13.67
C TYR B 116 -7.09 46.03 -14.38
N LYS B 117 -8.14 46.18 -15.18
CA LYS B 117 -8.52 45.10 -16.10
C LYS B 117 -7.40 44.96 -17.13
N ASP B 118 -7.22 43.74 -17.63
CA ASP B 118 -6.09 43.40 -18.52
C ASP B 118 -4.75 43.42 -17.78
N SER B 119 -4.78 43.86 -16.51
CA SER B 119 -3.55 44.09 -15.73
C SER B 119 -3.37 43.13 -14.56
N VAL B 120 -4.47 42.75 -13.91
CA VAL B 120 -4.44 41.81 -12.78
C VAL B 120 -5.12 40.48 -13.09
N ASP B 121 -4.65 39.42 -12.44
CA ASP B 121 -5.25 38.09 -12.57
C ASP B 121 -6.16 37.79 -11.39
N GLN B 122 -5.55 37.41 -10.26
CA GLN B 122 -6.29 36.99 -9.07
C GLN B 122 -6.21 38.00 -7.94
N ILE B 123 -7.33 38.24 -7.28
CA ILE B 123 -7.39 39.20 -6.18
C ILE B 123 -7.41 38.46 -4.82
N PHE B 124 -6.49 38.85 -3.94
CA PHE B 124 -6.35 38.23 -2.61
C PHE B 124 -6.59 39.21 -1.47
N VAL B 125 -7.64 38.97 -0.68
CA VAL B 125 -7.86 39.72 0.56
C VAL B 125 -6.94 39.14 1.63
N VAL B 126 -6.04 39.98 2.15
CA VAL B 126 -4.95 39.52 3.00
C VAL B 126 -5.11 39.89 4.48
N GLY B 127 -6.11 40.71 4.79
CA GLY B 127 -6.38 41.12 6.17
C GLY B 127 -6.57 42.61 6.36
N GLY B 128 -6.95 43.05 7.56
CA GLY B 128 -7.23 42.16 8.69
C GLY B 128 -8.72 41.89 8.84
N ALA B 129 -9.19 41.88 10.09
CA ALA B 129 -10.57 41.51 10.43
C ALA B 129 -11.62 42.36 9.70
N GLY B 130 -11.29 43.63 9.47
CA GLY B 130 -12.16 44.54 8.74
C GLY B 130 -12.41 44.08 7.31
N LEU B 131 -11.34 43.76 6.60
CA LEU B 131 -11.45 43.35 5.21
C LEU B 131 -12.00 41.94 5.03
N TYR B 132 -11.71 41.07 5.99
CA TYR B 132 -12.23 39.70 5.98
C TYR B 132 -13.75 39.69 6.16
N GLU B 133 -14.22 40.46 7.13
CA GLU B 133 -15.65 40.61 7.41
C GLU B 133 -16.40 41.26 6.25
N ALA B 134 -15.79 42.27 5.63
CA ALA B 134 -16.37 42.96 4.48
C ALA B 134 -16.51 42.03 3.26
N ALA B 135 -15.45 41.29 2.96
CA ALA B 135 -15.42 40.35 1.83
C ALA B 135 -16.44 39.23 2.00
N LEU B 136 -16.66 38.82 3.25
CA LEU B 136 -17.67 37.82 3.56
C LEU B 136 -19.09 38.39 3.50
N SER B 137 -19.22 39.67 3.86
CA SER B 137 -20.50 40.37 3.79
C SER B 137 -20.94 40.60 2.35
N LEU B 138 -19.97 40.93 1.49
CA LEU B 138 -20.22 41.12 0.07
C LEU B 138 -20.48 39.79 -0.65
N GLY B 139 -19.99 38.70 -0.06
CA GLY B 139 -20.14 37.36 -0.64
C GLY B 139 -19.32 37.17 -1.90
N VAL B 140 -18.34 38.04 -2.10
CA VAL B 140 -17.49 38.03 -3.30
C VAL B 140 -16.38 36.99 -3.23
N ALA B 141 -16.21 36.38 -2.06
CA ALA B 141 -15.18 35.37 -1.83
C ALA B 141 -15.62 34.00 -2.37
N SER B 142 -14.80 33.44 -3.26
CA SER B 142 -15.05 32.12 -3.82
C SER B 142 -14.35 31.03 -3.01
N HIS B 143 -13.12 31.33 -2.58
CA HIS B 143 -12.26 30.38 -1.88
C HIS B 143 -11.57 31.00 -0.67
N LEU B 144 -11.41 30.19 0.38
CA LEU B 144 -10.65 30.60 1.55
C LEU B 144 -9.41 29.74 1.72
N TYR B 145 -8.24 30.39 1.71
CA TYR B 145 -6.97 29.72 1.97
C TYR B 145 -6.62 29.86 3.46
N ILE B 146 -7.03 28.88 4.25
CA ILE B 146 -6.84 28.94 5.70
C ILE B 146 -5.69 28.05 6.19
N THR B 147 -4.77 28.65 6.94
CA THR B 147 -3.74 27.90 7.66
C THR B 147 -4.20 27.72 9.11
N ARG B 148 -4.54 26.49 9.47
CA ARG B 148 -5.09 26.20 10.80
C ARG B 148 -3.99 26.01 11.83
N VAL B 149 -3.68 27.06 12.57
CA VAL B 149 -2.75 26.97 13.69
C VAL B 149 -3.44 26.16 14.78
N ALA B 150 -2.90 24.99 15.09
CA ALA B 150 -3.52 24.04 16.01
C ALA B 150 -3.53 24.51 17.46
N ARG B 151 -2.52 25.31 17.82
CA ARG B 151 -2.40 25.83 19.18
C ARG B 151 -3.24 27.08 19.37
N GLU B 152 -3.64 27.33 20.62
CA GLU B 152 -4.33 28.56 20.97
C GLU B 152 -3.36 29.56 21.59
N PHE B 153 -3.40 30.78 21.08
CA PHE B 153 -2.55 31.86 21.57
C PHE B 153 -3.43 33.02 22.02
N PRO B 154 -2.87 33.92 22.84
CA PRO B 154 -3.56 35.18 23.17
C PRO B 154 -3.76 36.05 21.94
N CYS B 155 -5.00 36.47 21.70
CA CYS B 155 -5.36 37.24 20.51
C CYS B 155 -6.38 38.34 20.82
N ASP B 156 -6.16 39.53 20.26
CA ASP B 156 -7.15 40.61 20.35
C ASP B 156 -7.96 40.83 19.07
N VAL B 157 -7.48 40.29 17.95
CA VAL B 157 -8.15 40.41 16.66
C VAL B 157 -8.53 39.01 16.13
N PHE B 158 -9.76 38.87 15.65
CA PHE B 158 -10.31 37.58 15.24
C PHE B 158 -10.90 37.59 13.83
N PHE B 159 -10.69 36.50 13.10
CA PHE B 159 -11.38 36.27 11.83
C PHE B 159 -12.87 36.05 12.16
N PRO B 160 -13.78 36.63 11.35
CA PRO B 160 -15.20 36.51 11.67
C PRO B 160 -15.70 35.07 11.61
N ALA B 161 -16.78 34.78 12.33
CA ALA B 161 -17.43 33.48 12.25
C ALA B 161 -18.13 33.32 10.89
N PHE B 162 -18.06 32.13 10.31
CA PHE B 162 -18.61 31.86 8.99
C PHE B 162 -19.22 30.47 8.91
N PRO B 163 -20.23 30.28 8.04
CA PRO B 163 -20.82 28.96 7.84
C PRO B 163 -19.78 27.95 7.34
N GLY B 164 -19.51 26.93 8.15
CA GLY B 164 -18.49 25.94 7.84
C GLY B 164 -17.20 26.13 8.63
N ASP B 165 -17.22 27.04 9.60
CA ASP B 165 -16.08 27.26 10.50
C ASP B 165 -15.89 26.08 11.47
N ASP B 166 -16.60 24.99 11.21
CA ASP B 166 -16.47 23.75 11.98
C ASP B 166 -15.12 23.05 11.75
N ILE B 167 -14.42 23.45 10.69
CA ILE B 167 -13.09 22.92 10.39
C ILE B 167 -12.03 23.37 11.40
N LEU B 168 -12.35 24.41 12.18
CA LEU B 168 -11.41 24.95 13.17
C LEU B 168 -11.57 24.30 14.53
N SER B 169 -12.79 24.35 15.06
CA SER B 169 -13.09 23.77 16.37
C SER B 169 -14.55 23.31 16.44
N ASN B 170 -14.87 22.57 17.51
CA ASN B 170 -16.24 22.07 17.73
C ASN B 170 -17.22 23.20 18.05
N LYS B 171 -18.47 23.01 17.62
CA LYS B 171 -19.53 23.98 17.89
C LYS B 171 -20.41 23.54 19.06
N ALA B 181 -25.30 29.37 1.37
CA ALA B 181 -23.87 29.47 1.06
C ALA B 181 -23.01 29.13 2.27
N THR B 182 -22.34 27.98 2.17
CA THR B 182 -21.41 27.51 3.19
C THR B 182 -20.04 27.31 2.56
N TYR B 183 -19.00 27.38 3.38
CA TYR B 183 -17.64 27.14 2.91
C TYR B 183 -17.20 25.71 3.28
N ARG B 184 -17.05 24.87 2.26
CA ARG B 184 -16.66 23.48 2.46
C ARG B 184 -15.22 23.23 2.06
N PRO B 185 -14.50 22.44 2.88
CA PRO B 185 -13.12 22.05 2.56
C PRO B 185 -13.06 21.18 1.31
N ILE B 186 -12.09 21.49 0.46
CA ILE B 186 -11.91 20.76 -0.78
C ILE B 186 -10.44 20.30 -0.84
N PHE B 187 -9.71 20.65 0.21
CA PHE B 187 -8.28 20.42 0.31
C PHE B 187 -7.90 20.41 1.79
N ILE B 188 -7.28 19.34 2.25
CA ILE B 188 -6.70 19.26 3.59
C ILE B 188 -5.34 18.58 3.51
N SER B 189 -4.29 19.30 3.92
CA SER B 189 -2.92 18.83 3.84
C SER B 189 -2.53 17.99 5.04
N LYS B 190 -1.33 17.41 4.99
CA LYS B 190 -0.73 16.80 6.17
C LYS B 190 -0.31 17.92 7.15
N THR B 191 0.07 17.53 8.36
CA THR B 191 0.44 18.51 9.39
C THR B 191 1.91 18.89 9.35
N PHE B 192 2.16 20.20 9.40
CA PHE B 192 3.51 20.77 9.44
C PHE B 192 3.77 21.30 10.85
N SER B 193 5.01 21.67 11.14
CA SER B 193 5.35 22.31 12.42
C SER B 193 6.60 23.17 12.35
N ASP B 194 6.48 24.39 12.88
CA ASP B 194 7.60 25.32 13.04
C ASP B 194 7.58 25.92 14.45
N ASN B 195 8.76 25.97 15.08
CA ASN B 195 8.94 26.53 16.44
C ASN B 195 7.99 25.99 17.51
N GLY B 196 7.69 24.69 17.43
CA GLY B 196 6.83 24.03 18.39
C GLY B 196 5.35 24.29 18.17
N VAL B 197 5.00 24.68 16.94
CA VAL B 197 3.62 24.98 16.58
C VAL B 197 3.18 24.10 15.42
N PRO B 198 2.14 23.27 15.64
CA PRO B 198 1.57 22.45 14.58
C PRO B 198 0.49 23.19 13.78
N TYR B 199 0.52 23.04 12.46
CA TYR B 199 -0.47 23.65 11.58
C TYR B 199 -0.60 22.88 10.27
N ASP B 200 -1.75 23.02 9.61
CA ASP B 200 -1.94 22.47 8.28
C ASP B 200 -2.68 23.46 7.38
N PHE B 201 -2.89 23.06 6.13
CA PHE B 201 -3.42 23.96 5.13
C PHE B 201 -4.71 23.40 4.53
N VAL B 202 -5.76 24.22 4.58
CA VAL B 202 -7.04 23.87 3.97
C VAL B 202 -7.46 24.93 2.95
N VAL B 203 -8.16 24.48 1.91
CA VAL B 203 -8.81 25.40 0.99
C VAL B 203 -10.30 25.13 1.02
N LEU B 204 -11.06 26.16 1.37
CA LEU B 204 -12.51 26.05 1.41
C LEU B 204 -13.11 26.66 0.14
N GLU B 205 -14.32 26.24 -0.20
CA GLU B 205 -15.00 26.69 -1.40
C GLU B 205 -16.43 27.08 -1.10
N LYS B 206 -16.85 28.23 -1.63
CA LYS B 206 -18.25 28.67 -1.53
C LYS B 206 -19.13 27.76 -2.39
N ARG B 207 -20.16 27.18 -1.77
CA ARG B 207 -20.96 26.14 -2.43
C ARG B 207 -22.45 26.43 -2.51
N ARG B 208 -23.04 26.86 -1.40
CA ARG B 208 -24.49 26.96 -1.25
C ARG B 208 -25.14 25.57 -1.22
N SER B 241 -5.96 7.21 -30.91
CA SER B 241 -5.83 5.83 -30.46
C SER B 241 -4.53 5.61 -29.68
N SER B 242 -4.48 6.18 -28.47
CA SER B 242 -3.36 5.99 -27.56
C SER B 242 -3.77 4.98 -26.50
N ALA B 243 -4.60 5.42 -25.57
CA ALA B 243 -5.22 4.55 -24.58
C ALA B 243 -6.70 4.32 -24.94
N ALA B 244 -7.09 4.87 -26.08
CA ALA B 244 -8.46 4.70 -26.61
C ALA B 244 -8.65 3.30 -27.19
N ALA B 245 -7.59 2.78 -27.81
CA ALA B 245 -7.59 1.42 -28.35
C ALA B 245 -7.26 0.39 -27.28
N ILE B 246 -6.43 0.78 -26.31
CA ILE B 246 -6.13 -0.06 -25.14
C ILE B 246 -7.38 -0.20 -24.28
N ALA B 247 -8.26 0.81 -24.37
CA ALA B 247 -9.43 0.94 -23.51
C ALA B 247 -10.50 -0.16 -23.56
N PRO B 248 -10.71 -0.83 -24.72
CA PRO B 248 -11.74 -1.87 -24.67
C PRO B 248 -11.38 -3.14 -23.89
N VAL B 249 -10.10 -3.50 -23.84
CA VAL B 249 -9.64 -4.61 -23.00
C VAL B 249 -9.74 -4.17 -21.54
N LEU B 250 -9.31 -2.93 -21.29
CA LEU B 250 -9.54 -2.26 -20.02
C LEU B 250 -11.01 -2.28 -19.64
N ALA B 251 -11.88 -2.08 -20.63
CA ALA B 251 -13.32 -1.97 -20.42
C ALA B 251 -13.96 -3.21 -19.78
N TRP B 252 -13.62 -4.40 -20.28
CA TRP B 252 -14.22 -5.63 -19.75
C TRP B 252 -13.60 -6.12 -18.43
N MET B 253 -12.35 -5.75 -18.18
CA MET B 253 -11.67 -6.09 -16.93
C MET B 253 -12.08 -5.16 -15.79
N ASP B 254 -12.51 -3.96 -16.15
CA ASP B 254 -12.78 -2.88 -15.20
C ASP B 254 -14.08 -3.07 -14.42
N GLU B 255 -14.10 -2.52 -13.20
CA GLU B 255 -15.28 -2.49 -12.36
C GLU B 255 -15.65 -1.05 -12.02
N LEU B 266 -19.46 3.16 -2.14
CA LEU B 266 -20.74 3.60 -1.60
C LEU B 266 -20.54 4.50 -0.40
N ILE B 267 -19.84 3.99 0.62
CA ILE B 267 -19.45 4.81 1.76
C ILE B 267 -18.07 5.40 1.52
N ARG B 268 -18.00 6.73 1.54
CA ARG B 268 -16.73 7.43 1.53
C ARG B 268 -16.74 8.49 2.63
N ALA B 269 -15.56 8.78 3.18
CA ALA B 269 -15.41 9.78 4.22
C ALA B 269 -15.20 11.15 3.59
N VAL B 270 -16.00 12.13 4.04
CA VAL B 270 -15.97 13.50 3.50
C VAL B 270 -15.62 13.55 2.00
N PRO B 271 -16.56 13.05 1.15
CA PRO B 271 -16.29 12.86 -0.28
C PRO B 271 -15.88 14.13 -1.03
N HIS B 272 -16.34 15.29 -0.55
CA HIS B 272 -16.03 16.58 -1.17
C HIS B 272 -14.55 16.94 -1.11
N VAL B 273 -13.87 16.53 -0.03
CA VAL B 273 -12.43 16.79 0.11
C VAL B 273 -11.68 16.02 -0.98
N HIS B 274 -11.24 16.75 -2.00
CA HIS B 274 -10.59 16.11 -3.16
C HIS B 274 -9.11 15.80 -2.93
N PHE B 275 -8.35 16.77 -2.43
CA PHE B 275 -6.98 16.49 -2.00
C PHE B 275 -6.95 16.02 -0.55
N ARG B 276 -6.45 14.80 -0.35
CA ARG B 276 -6.49 14.13 0.95
C ARG B 276 -5.10 13.93 1.52
N GLY B 277 -4.42 15.03 1.77
CA GLY B 277 -3.05 15.01 2.27
C GLY B 277 -2.94 14.55 3.71
N HIS B 278 -3.92 14.95 4.53
CA HIS B 278 -3.95 14.59 5.94
C HIS B 278 -3.82 13.07 6.12
N GLU B 279 -2.88 12.66 6.96
CA GLU B 279 -2.55 11.24 7.16
C GLU B 279 -3.62 10.42 7.87
N GLU B 280 -4.60 11.11 8.46
CA GLU B 280 -5.75 10.47 9.09
C GLU B 280 -6.75 9.93 8.06
N PHE B 281 -6.65 10.40 6.82
CA PHE B 281 -7.49 9.87 5.76
C PHE B 281 -7.25 8.39 5.55
N GLN B 282 -6.00 7.96 5.79
CA GLN B 282 -5.65 6.54 5.78
C GLN B 282 -6.65 5.74 6.61
N TYR B 283 -6.85 6.18 7.85
CA TYR B 283 -7.71 5.51 8.80
C TYR B 283 -9.18 5.59 8.38
N LEU B 284 -9.61 6.77 7.94
CA LEU B 284 -10.98 6.99 7.50
C LEU B 284 -11.32 6.21 6.23
N ASP B 285 -10.39 6.16 5.29
CA ASP B 285 -10.56 5.35 4.08
C ASP B 285 -10.56 3.87 4.43
N LEU B 286 -9.80 3.50 5.47
CA LEU B 286 -9.70 2.11 5.93
C LEU B 286 -11.03 1.60 6.50
N ILE B 287 -11.73 2.46 7.24
CA ILE B 287 -13.06 2.13 7.76
C ILE B 287 -14.05 1.92 6.61
N ALA B 288 -14.11 2.90 5.71
CA ALA B 288 -14.95 2.82 4.51
C ALA B 288 -14.64 1.55 3.72
N ASP B 289 -13.36 1.32 3.44
CA ASP B 289 -12.92 0.14 2.70
C ASP B 289 -13.52 -1.15 3.29
N ILE B 290 -13.36 -1.34 4.59
CA ILE B 290 -13.84 -2.55 5.27
C ILE B 290 -15.37 -2.68 5.20
N ILE B 291 -16.08 -1.56 5.38
CA ILE B 291 -17.54 -1.58 5.30
C ILE B 291 -17.99 -1.88 3.86
N ASN B 292 -17.33 -1.26 2.88
CA ASN B 292 -17.64 -1.47 1.47
C ASN B 292 -17.34 -2.87 0.97
N ASN B 293 -16.14 -3.35 1.29
CA ASN B 293 -15.59 -4.54 0.64
C ASN B 293 -15.26 -5.67 1.62
N GLY B 294 -15.52 -5.45 2.90
CA GLY B 294 -15.22 -6.44 3.92
C GLY B 294 -16.25 -7.55 3.95
N ARG B 295 -15.91 -8.64 4.65
CA ARG B 295 -16.78 -9.81 4.73
C ARG B 295 -17.39 -9.94 6.11
N THR B 296 -18.71 -10.10 6.17
CA THR B 296 -19.42 -10.35 7.43
C THR B 296 -19.11 -11.75 7.93
N MET B 297 -18.51 -11.81 9.12
CA MET B 297 -18.06 -13.07 9.70
C MET B 297 -18.55 -13.25 11.14
N ASP B 298 -18.48 -14.48 11.62
CA ASP B 298 -18.66 -14.78 13.04
C ASP B 298 -17.36 -14.50 13.79
N ASP B 299 -17.44 -14.47 15.12
CA ASP B 299 -16.36 -13.93 15.94
C ASP B 299 -16.38 -14.52 17.35
N ARG B 300 -15.21 -14.55 18.00
CA ARG B 300 -15.07 -15.07 19.37
C ARG B 300 -16.06 -14.46 20.38
N THR B 301 -16.27 -13.15 20.26
CA THR B 301 -17.13 -12.41 21.20
C THR B 301 -18.62 -12.71 21.03
N GLY B 302 -19.00 -13.22 19.85
CA GLY B 302 -20.40 -13.44 19.52
C GLY B 302 -20.97 -12.28 18.71
N VAL B 303 -20.44 -11.09 18.96
CA VAL B 303 -20.80 -9.89 18.23
C VAL B 303 -20.37 -10.04 16.77
N GLY B 304 -21.16 -9.49 15.85
CA GLY B 304 -20.86 -9.55 14.42
C GLY B 304 -19.60 -8.78 14.05
N VAL B 305 -19.00 -9.17 12.93
CA VAL B 305 -17.77 -8.56 12.43
C VAL B 305 -17.79 -8.44 10.92
N ILE B 306 -17.34 -7.31 10.42
CA ILE B 306 -17.00 -7.14 9.01
C ILE B 306 -15.49 -7.03 8.97
N SER B 307 -14.81 -8.00 8.36
CA SER B 307 -13.35 -8.07 8.47
C SER B 307 -12.63 -7.98 7.13
N LYS B 308 -11.35 -7.64 7.22
CA LYS B 308 -10.42 -7.67 6.09
C LYS B 308 -9.08 -8.18 6.60
N PHE B 309 -8.21 -8.58 5.68
CA PHE B 309 -6.95 -9.20 6.06
C PHE B 309 -5.77 -8.51 5.40
N GLY B 310 -4.75 -8.20 6.20
CA GLY B 310 -3.53 -7.59 5.69
C GLY B 310 -3.66 -6.16 5.21
N CYS B 311 -4.17 -5.29 6.07
CA CYS B 311 -4.26 -3.87 5.76
C CYS B 311 -3.05 -3.11 6.34
N THR B 312 -2.86 -1.84 5.96
CA THR B 312 -1.62 -1.10 6.29
C THR B 312 -1.79 0.42 6.37
N MET B 313 -1.05 1.04 7.29
CA MET B 313 -0.99 2.50 7.42
C MET B 313 0.42 2.95 7.81
N ARG B 314 0.77 4.19 7.47
CA ARG B 314 2.01 4.80 7.96
C ARG B 314 1.88 6.28 8.26
N TYR B 315 2.57 6.72 9.31
CA TYR B 315 2.41 8.06 9.85
C TYR B 315 3.76 8.72 10.14
N SER B 316 3.88 9.99 9.77
CA SER B 316 5.09 10.78 10.02
C SER B 316 5.17 11.20 11.48
N LEU B 317 6.38 11.19 12.03
CA LEU B 317 6.60 11.56 13.43
C LEU B 317 7.53 12.77 13.57
N ASP B 318 8.02 13.28 12.45
CA ASP B 318 9.02 14.35 12.42
C ASP B 318 8.44 15.76 12.56
N GLN B 319 7.18 15.96 12.15
CA GLN B 319 6.52 17.26 12.24
C GLN B 319 5.51 17.30 13.38
N ALA B 320 4.60 16.33 13.39
CA ALA B 320 3.56 16.27 14.41
C ALA B 320 3.38 14.84 14.93
N PHE B 321 2.27 14.59 15.64
CA PHE B 321 2.01 13.30 16.26
C PHE B 321 0.63 12.76 15.89
N PRO B 322 0.57 11.49 15.45
CA PRO B 322 -0.68 10.91 14.97
C PRO B 322 -1.63 10.47 16.08
N LEU B 323 -2.11 11.44 16.86
CA LEU B 323 -3.19 11.21 17.80
C LEU B 323 -4.46 11.66 17.09
N LEU B 324 -5.23 10.68 16.62
CA LEU B 324 -6.38 10.94 15.74
C LEU B 324 -7.33 12.02 16.23
N THR B 325 -7.75 12.87 15.31
CA THR B 325 -8.51 14.08 15.63
C THR B 325 -10.01 13.92 15.32
N THR B 326 -10.33 12.96 14.46
CA THR B 326 -11.72 12.78 14.02
C THR B 326 -12.62 12.20 15.13
N LYS B 327 -11.98 11.86 16.25
CA LYS B 327 -12.64 11.56 17.52
C LYS B 327 -11.58 11.64 18.63
N ARG B 328 -12.00 12.03 19.83
CA ARG B 328 -11.06 12.20 20.95
C ARG B 328 -10.47 10.87 21.42
N VAL B 329 -9.14 10.75 21.33
CA VAL B 329 -8.43 9.56 21.78
C VAL B 329 -7.99 9.72 23.23
N PHE B 330 -8.21 8.68 24.01
CA PHE B 330 -7.90 8.65 25.44
C PHE B 330 -6.39 8.58 25.69
N TRP B 331 -5.72 9.73 25.61
CA TRP B 331 -4.26 9.79 25.67
C TRP B 331 -3.67 9.40 27.02
N LYS B 332 -4.37 9.75 28.10
CA LYS B 332 -3.98 9.35 29.44
C LYS B 332 -3.85 7.83 29.51
N GLY B 333 -4.73 7.14 28.78
CA GLY B 333 -4.73 5.69 28.74
C GLY B 333 -3.52 5.11 28.04
N VAL B 334 -3.24 5.59 26.82
CA VAL B 334 -2.13 5.05 26.02
C VAL B 334 -0.82 5.23 26.79
N LEU B 335 -0.61 6.44 27.32
CA LEU B 335 0.59 6.79 28.05
C LEU B 335 0.76 5.92 29.27
N GLU B 336 -0.31 5.76 30.04
CA GLU B 336 -0.25 5.00 31.27
C GLU B 336 -0.10 3.50 31.00
N GLU B 337 -0.72 3.03 29.92
CA GLU B 337 -0.56 1.64 29.51
C GLU B 337 0.85 1.38 29.01
N LEU B 338 1.37 2.26 28.16
CA LEU B 338 2.70 2.06 27.57
C LEU B 338 3.76 1.97 28.65
N LEU B 339 3.73 2.91 29.59
CA LEU B 339 4.63 2.91 30.74
C LEU B 339 4.50 1.61 31.53
N TRP B 340 3.26 1.15 31.71
CA TRP B 340 2.93 -0.11 32.35
C TRP B 340 3.59 -1.29 31.63
N PHE B 341 3.52 -1.31 30.30
CA PHE B 341 4.21 -2.31 29.49
C PHE B 341 5.71 -2.30 29.79
N ILE B 342 6.29 -1.10 29.82
CA ILE B 342 7.74 -0.92 29.95
C ILE B 342 8.29 -1.44 31.29
N ARG B 343 7.48 -1.38 32.35
CA ARG B 343 7.85 -1.95 33.65
C ARG B 343 7.95 -3.47 33.62
N GLY B 344 7.20 -4.10 32.72
CA GLY B 344 7.03 -5.55 32.75
C GLY B 344 5.97 -5.89 33.78
N ASP B 345 5.09 -4.92 34.04
CA ASP B 345 4.03 -5.07 35.01
C ASP B 345 2.87 -5.84 34.38
N THR B 346 2.28 -6.73 35.16
CA THR B 346 1.19 -7.58 34.69
C THR B 346 -0.03 -7.53 35.63
N ASN B 347 -0.11 -6.44 36.40
CA ASN B 347 -1.24 -6.17 37.28
C ASN B 347 -2.13 -5.06 36.71
N ALA B 348 -3.33 -5.43 36.25
CA ALA B 348 -4.27 -4.51 35.62
C ALA B 348 -4.87 -3.53 36.61
N ASN B 349 -4.75 -3.86 37.90
CA ASN B 349 -5.28 -3.01 38.96
C ASN B 349 -4.46 -1.74 39.17
N HIS B 350 -3.20 -1.76 38.71
CA HIS B 350 -2.36 -0.56 38.72
C HIS B 350 -2.80 0.46 37.69
N LEU B 351 -3.36 -0.03 36.59
CA LEU B 351 -3.94 0.85 35.58
C LEU B 351 -5.34 1.28 36.04
N SER B 352 -6.09 0.33 36.57
CA SER B 352 -7.45 0.56 37.05
C SER B 352 -7.50 1.59 38.17
N GLU B 353 -6.44 1.67 38.96
CA GLU B 353 -6.35 2.61 40.07
C GLU B 353 -6.07 4.04 39.61
N LYS B 354 -5.57 4.18 38.38
CA LYS B 354 -5.26 5.50 37.82
C LYS B 354 -6.38 6.02 36.91
N GLY B 355 -7.47 5.27 36.83
CA GLY B 355 -8.62 5.64 36.00
C GLY B 355 -8.57 5.01 34.63
N VAL B 356 -7.59 4.13 34.43
CA VAL B 356 -7.37 3.44 33.16
C VAL B 356 -7.92 2.02 33.29
N LYS B 357 -9.19 1.84 32.91
CA LYS B 357 -9.91 0.58 33.11
C LYS B 357 -9.90 -0.31 31.87
N ILE B 358 -9.02 0.00 30.93
CA ILE B 358 -9.00 -0.64 29.59
C ILE B 358 -8.84 -2.16 29.61
N TRP B 359 -8.29 -2.70 30.70
CA TRP B 359 -8.05 -4.14 30.82
C TRP B 359 -8.97 -4.86 31.82
N ASP B 360 -9.84 -4.12 32.48
CA ASP B 360 -10.71 -4.65 33.54
C ASP B 360 -11.67 -5.76 33.11
N LYS B 361 -12.34 -5.59 31.97
CA LYS B 361 -13.32 -6.56 31.47
C LYS B 361 -12.68 -7.90 31.03
N ASN B 362 -11.36 -7.87 30.82
CA ASN B 362 -10.61 -9.06 30.41
C ASN B 362 -9.77 -9.68 31.55
N VAL B 363 -9.92 -9.14 32.76
CA VAL B 363 -9.26 -9.69 33.95
C VAL B 363 -10.23 -9.97 35.10
N THR B 364 -11.53 -9.95 34.80
CA THR B 364 -12.57 -10.31 35.78
C THR B 364 -12.48 -11.79 36.12
N ARG B 365 -13.01 -12.15 37.29
CA ARG B 365 -13.12 -13.55 37.71
C ARG B 365 -13.81 -14.40 36.63
N GLU B 366 -14.88 -13.85 36.06
CA GLU B 366 -15.67 -14.54 35.03
C GLU B 366 -14.85 -14.83 33.77
N PHE B 367 -14.15 -13.81 33.25
CA PHE B 367 -13.34 -13.97 32.04
C PHE B 367 -12.12 -14.87 32.25
N LEU B 368 -11.48 -14.74 33.42
CA LEU B 368 -10.34 -15.58 33.77
C LEU B 368 -10.72 -17.05 33.87
N ASP B 369 -12.00 -17.31 34.19
CA ASP B 369 -12.52 -18.67 34.26
C ASP B 369 -12.85 -19.24 32.89
N SER B 370 -13.46 -18.42 32.02
CA SER B 370 -13.74 -18.80 30.64
C SER B 370 -12.45 -19.06 29.85
N ARG B 371 -11.33 -18.64 30.44
CA ARG B 371 -10.00 -18.81 29.87
C ARG B 371 -9.29 -19.99 30.55
N ASN B 372 -10.04 -20.71 31.39
CA ASN B 372 -9.52 -21.82 32.19
C ASN B 372 -8.30 -21.45 33.05
N LEU B 373 -8.41 -20.29 33.71
CA LEU B 373 -7.42 -19.85 34.68
C LEU B 373 -8.12 -19.45 35.99
N PRO B 374 -8.50 -20.45 36.81
CA PRO B 374 -9.16 -20.17 38.09
C PRO B 374 -8.16 -19.77 39.17
N HIS B 375 -6.88 -20.04 38.92
CA HIS B 375 -5.81 -19.74 39.87
C HIS B 375 -5.26 -18.32 39.75
N ARG B 376 -5.75 -17.57 38.76
CA ARG B 376 -5.37 -16.18 38.56
C ARG B 376 -6.18 -15.26 39.48
N GLU B 377 -5.48 -14.29 40.08
CA GLU B 377 -6.13 -13.24 40.87
C GLU B 377 -6.74 -12.22 39.92
N VAL B 378 -7.84 -11.59 40.35
CA VAL B 378 -8.49 -10.53 39.57
C VAL B 378 -7.49 -9.43 39.25
N GLY B 379 -7.24 -9.21 37.97
CA GLY B 379 -6.30 -8.19 37.52
C GLY B 379 -4.99 -8.71 36.96
N ASP B 380 -4.87 -10.04 36.88
CA ASP B 380 -3.63 -10.66 36.42
C ASP B 380 -3.72 -11.09 34.96
N ILE B 381 -3.03 -10.35 34.08
CA ILE B 381 -3.07 -10.61 32.64
C ILE B 381 -2.19 -11.80 32.25
N GLY B 382 -1.52 -12.39 33.24
CA GLY B 382 -0.55 -13.45 33.00
C GLY B 382 0.76 -12.82 32.54
N PRO B 383 1.61 -13.61 31.84
CA PRO B 383 2.84 -13.03 31.32
C PRO B 383 2.70 -12.56 29.88
N GLY B 384 2.00 -11.44 29.67
CA GLY B 384 1.78 -10.91 28.33
C GLY B 384 2.35 -9.53 28.16
N TYR B 385 2.59 -9.15 26.91
CA TYR B 385 3.05 -7.81 26.57
C TYR B 385 4.33 -7.43 27.30
N GLY B 386 4.22 -6.51 28.25
CA GLY B 386 5.36 -6.00 28.99
C GLY B 386 6.25 -7.08 29.57
N PHE B 387 5.66 -8.20 30.00
CA PHE B 387 6.42 -9.30 30.56
C PHE B 387 7.35 -9.95 29.55
N GLN B 388 6.81 -10.29 28.38
CA GLN B 388 7.62 -10.87 27.30
C GLN B 388 8.62 -9.85 26.76
N TRP B 389 8.23 -8.57 26.80
CA TRP B 389 9.10 -7.47 26.39
C TRP B 389 10.36 -7.42 27.23
N ARG B 390 10.21 -7.54 28.55
CA ARG B 390 11.33 -7.38 29.48
C ARG B 390 11.90 -8.70 29.99
N HIS B 391 11.10 -9.76 29.91
CA HIS B 391 11.49 -11.05 30.51
C HIS B 391 11.14 -12.25 29.62
N PHE B 392 11.33 -12.13 28.31
CA PHE B 392 10.89 -13.18 27.38
C PHE B 392 11.26 -14.59 27.84
N GLY B 393 10.27 -15.47 27.90
CA GLY B 393 10.49 -16.88 28.22
C GLY B 393 10.61 -17.24 29.69
N ALA B 394 10.70 -16.22 30.56
CA ALA B 394 10.79 -16.44 32.00
C ALA B 394 9.52 -17.11 32.55
N ALA B 395 9.71 -17.99 33.53
CA ALA B 395 8.62 -18.75 34.12
C ALA B 395 7.74 -17.87 35.00
N TYR B 396 6.47 -17.75 34.62
CA TYR B 396 5.53 -16.88 35.33
C TYR B 396 4.94 -17.57 36.56
N LYS B 397 4.71 -16.78 37.61
CA LYS B 397 4.05 -17.24 38.83
C LYS B 397 2.76 -16.44 39.03
N ASP B 398 2.91 -15.18 39.44
CA ASP B 398 1.80 -14.22 39.53
C ASP B 398 2.29 -12.78 39.35
N MET B 399 1.35 -11.84 39.32
CA MET B 399 1.65 -10.42 39.12
C MET B 399 2.49 -9.80 40.25
N HIS B 400 2.50 -10.45 41.40
CA HIS B 400 3.17 -9.91 42.60
C HIS B 400 4.64 -10.31 42.73
N THR B 401 5.09 -11.19 41.85
CA THR B 401 6.48 -11.69 41.87
C THR B 401 7.46 -10.70 41.20
N ASP B 402 8.70 -10.73 41.67
CA ASP B 402 9.78 -9.93 41.09
C ASP B 402 10.58 -10.78 40.09
N TYR B 403 10.49 -10.40 38.83
CA TYR B 403 11.08 -11.17 37.74
C TYR B 403 12.40 -10.57 37.25
N THR B 404 12.99 -9.69 38.06
CA THR B 404 14.20 -8.96 37.68
C THR B 404 15.38 -9.89 37.33
N GLY B 405 15.89 -9.77 36.11
CA GLY B 405 16.99 -10.59 35.63
C GLY B 405 16.58 -11.87 34.90
N GLN B 406 15.32 -12.26 35.05
CA GLN B 406 14.80 -13.47 34.40
C GLN B 406 14.46 -13.21 32.93
N GLY B 407 14.62 -14.24 32.11
CA GLY B 407 14.28 -14.18 30.70
C GLY B 407 15.16 -13.24 29.89
N VAL B 408 14.70 -12.88 28.71
CA VAL B 408 15.42 -11.97 27.82
C VAL B 408 14.79 -10.58 27.88
N ASP B 409 15.61 -9.57 28.14
CA ASP B 409 15.19 -8.19 28.06
C ASP B 409 15.34 -7.74 26.61
N GLN B 410 14.25 -7.89 25.86
CA GLN B 410 14.22 -7.53 24.44
C GLN B 410 14.38 -6.03 24.25
N LEU B 411 13.73 -5.23 25.08
CA LEU B 411 13.75 -3.77 24.96
C LEU B 411 15.15 -3.21 25.16
N LYS B 412 15.87 -3.74 26.15
CA LYS B 412 17.24 -3.32 26.43
C LYS B 412 18.19 -3.73 25.31
N ASN B 413 17.93 -4.90 24.71
CA ASN B 413 18.70 -5.39 23.57
C ASN B 413 18.54 -4.50 22.34
N VAL B 414 17.29 -4.16 22.03
CA VAL B 414 16.97 -3.26 20.92
C VAL B 414 17.66 -1.91 21.12
N ILE B 415 17.49 -1.31 22.29
CA ILE B 415 18.05 0.00 22.60
C ILE B 415 19.58 0.02 22.49
N GLN B 416 20.23 -0.99 23.04
CA GLN B 416 21.69 -1.07 22.99
C GLN B 416 22.19 -1.23 21.55
N MET B 417 21.47 -2.03 20.76
CA MET B 417 21.79 -2.23 19.35
C MET B 417 21.63 -0.92 18.58
N LEU B 418 20.56 -0.18 18.86
CA LEU B 418 20.31 1.12 18.24
C LEU B 418 21.43 2.11 18.54
N ARG B 419 22.03 1.99 19.72
CA ARG B 419 23.04 2.93 20.18
C ARG B 419 24.45 2.60 19.68
N THR B 420 24.73 1.33 19.41
CA THR B 420 26.05 0.90 18.96
C THR B 420 26.10 0.50 17.48
N ASN B 421 25.13 -0.29 17.04
CA ASN B 421 25.11 -0.83 15.68
C ASN B 421 23.74 -0.63 15.04
N PRO B 422 23.45 0.59 14.54
CA PRO B 422 22.11 0.97 14.07
C PRO B 422 21.74 0.44 12.69
N THR B 423 22.69 -0.21 12.03
CA THR B 423 22.47 -0.79 10.70
C THR B 423 22.11 -2.27 10.78
N ASP B 424 22.16 -2.83 11.99
CA ASP B 424 21.72 -4.19 12.27
C ASP B 424 20.24 -4.33 11.93
N ARG B 425 19.86 -5.47 11.37
CA ARG B 425 18.49 -5.69 10.93
C ARG B 425 17.72 -6.65 11.86
N ARG B 426 18.24 -6.85 13.07
CA ARG B 426 17.63 -7.76 14.03
C ARG B 426 17.06 -7.02 15.24
N MET B 427 16.74 -5.74 15.04
CA MET B 427 16.22 -4.91 16.12
C MET B 427 14.71 -5.13 16.25
N LEU B 428 14.36 -6.29 16.80
CA LEU B 428 12.97 -6.69 16.92
C LEU B 428 12.60 -7.05 18.35
N MET B 429 11.32 -6.86 18.66
CA MET B 429 10.77 -7.14 19.97
C MET B 429 9.44 -7.84 19.76
N THR B 430 9.30 -9.03 20.32
CA THR B 430 8.08 -9.82 20.15
C THR B 430 7.40 -10.17 21.47
N ALA B 431 6.08 -10.11 21.49
CA ALA B 431 5.29 -10.49 22.66
C ALA B 431 4.68 -11.88 22.46
N TRP B 432 4.81 -12.41 21.26
CA TRP B 432 4.24 -13.71 20.91
C TRP B 432 5.11 -14.86 21.40
N ASN B 433 4.65 -15.53 22.45
CA ASN B 433 5.32 -16.70 23.00
C ASN B 433 4.36 -17.89 23.02
N PRO B 434 4.46 -18.78 22.01
CA PRO B 434 3.57 -19.93 21.82
C PRO B 434 3.54 -20.88 23.00
N ALA B 435 4.59 -20.85 23.82
CA ALA B 435 4.68 -21.68 25.01
C ALA B 435 3.83 -21.13 26.16
N ALA B 436 3.63 -19.82 26.18
CA ALA B 436 2.95 -19.14 27.29
C ALA B 436 1.57 -18.56 26.95
N LEU B 437 1.05 -18.86 25.76
CA LEU B 437 -0.22 -18.29 25.28
C LEU B 437 -1.43 -18.68 26.13
N ASP B 438 -1.45 -19.93 26.59
CA ASP B 438 -2.56 -20.45 27.39
C ASP B 438 -2.55 -19.94 28.83
N GLU B 439 -1.49 -19.21 29.18
CA GLU B 439 -1.34 -18.62 30.52
C GLU B 439 -1.74 -17.15 30.56
N MET B 440 -1.92 -16.54 29.39
CA MET B 440 -2.30 -15.14 29.31
C MET B 440 -3.82 -15.00 29.34
N ALA B 441 -4.29 -13.89 29.92
CA ALA B 441 -5.72 -13.55 29.93
C ALA B 441 -6.22 -13.39 28.48
N LEU B 442 -5.37 -12.84 27.63
CA LEU B 442 -5.62 -12.73 26.20
C LEU B 442 -4.29 -12.70 25.45
N PRO B 443 -4.15 -13.52 24.39
CA PRO B 443 -3.00 -13.45 23.51
C PRO B 443 -2.83 -12.05 22.92
N PRO B 444 -1.59 -11.55 22.87
CA PRO B 444 -1.30 -10.19 22.42
C PRO B 444 -1.81 -9.94 21.00
N CYS B 445 -2.36 -8.74 20.77
CA CYS B 445 -2.74 -8.34 19.43
C CYS B 445 -1.56 -7.70 18.73
N HIS B 446 -1.05 -6.62 19.30
CA HIS B 446 0.20 -6.04 18.84
C HIS B 446 1.34 -6.90 19.39
N LEU B 447 1.84 -7.80 18.55
CA LEU B 447 2.73 -8.86 19.00
C LEU B 447 4.20 -8.69 18.59
N LEU B 448 4.47 -7.76 17.69
CA LEU B 448 5.84 -7.56 17.20
C LEU B 448 6.08 -6.13 16.71
N CYS B 449 7.28 -5.63 16.99
CA CYS B 449 7.72 -4.36 16.44
C CYS B 449 9.20 -4.41 16.04
N GLN B 450 9.52 -3.72 14.95
CA GLN B 450 10.89 -3.69 14.44
C GLN B 450 11.34 -2.26 14.25
N PHE B 451 12.63 -2.03 14.49
CA PHE B 451 13.21 -0.69 14.38
C PHE B 451 14.22 -0.58 13.24
N TYR B 452 14.41 0.66 12.76
CA TYR B 452 15.22 0.94 11.58
C TYR B 452 15.79 2.34 11.64
N VAL B 453 17.10 2.44 11.43
CA VAL B 453 17.80 3.73 11.39
C VAL B 453 18.29 3.97 9.98
N ASN B 454 18.18 5.20 9.50
CA ASN B 454 18.61 5.55 8.15
C ASN B 454 19.91 6.37 8.12
N ASP B 455 20.16 7.00 6.97
CA ASP B 455 21.30 7.90 6.75
C ASP B 455 21.44 9.00 7.80
N GLN B 456 20.31 9.62 8.12
CA GLN B 456 20.27 10.89 8.84
C GLN B 456 19.95 10.74 10.32
N LYS B 457 20.31 9.60 10.92
CA LYS B 457 19.99 9.31 12.33
C LYS B 457 18.49 9.47 12.63
N GLU B 458 17.66 8.98 11.72
CA GLU B 458 16.20 9.04 11.85
C GLU B 458 15.62 7.65 12.11
N LEU B 459 14.88 7.54 13.21
CA LEU B 459 14.29 6.28 13.64
C LEU B 459 12.86 6.07 13.12
N SER B 460 12.63 4.90 12.52
CA SER B 460 11.30 4.47 12.11
C SER B 460 10.94 3.16 12.81
N CYS B 461 9.64 2.87 12.91
CA CYS B 461 9.17 1.67 13.61
C CYS B 461 7.99 1.01 12.90
N ILE B 462 8.11 -0.31 12.73
CA ILE B 462 7.02 -1.16 12.23
C ILE B 462 6.43 -1.93 13.40
N MET B 463 5.10 -1.98 13.48
CA MET B 463 4.43 -2.82 14.45
C MET B 463 3.40 -3.71 13.77
N TYR B 464 3.53 -5.01 13.98
CA TYR B 464 2.57 -5.99 13.47
C TYR B 464 1.50 -6.28 14.50
N GLN B 465 0.24 -6.23 14.05
CA GLN B 465 -0.90 -6.49 14.91
C GLN B 465 -1.77 -7.56 14.26
N ARG B 466 -1.96 -8.68 14.94
CA ARG B 466 -2.69 -9.82 14.41
C ARG B 466 -4.20 -9.58 14.31
N SER B 467 -4.72 -8.81 15.25
CA SER B 467 -6.14 -8.57 15.35
C SER B 467 -6.39 -7.10 15.69
N CYS B 468 -7.13 -6.41 14.82
CA CYS B 468 -7.30 -4.97 14.95
C CYS B 468 -8.77 -4.56 14.99
N ASP B 469 -9.19 -4.08 16.16
CA ASP B 469 -10.49 -3.46 16.31
C ASP B 469 -10.40 -2.02 15.80
N VAL B 470 -10.80 -1.83 14.55
CA VAL B 470 -10.66 -0.54 13.86
C VAL B 470 -11.30 0.59 14.65
N GLY B 471 -12.55 0.37 15.07
CA GLY B 471 -13.31 1.38 15.79
C GLY B 471 -12.65 1.83 17.09
N LEU B 472 -12.33 0.86 17.94
CA LEU B 472 -11.87 1.16 19.30
C LEU B 472 -10.35 1.10 19.48
N GLY B 473 -9.75 -0.03 19.10
CA GLY B 473 -8.34 -0.30 19.39
C GLY B 473 -7.31 0.39 18.51
N VAL B 474 -7.58 0.47 17.21
CA VAL B 474 -6.63 0.99 16.23
C VAL B 474 -6.11 2.40 16.57
N PRO B 475 -7.01 3.39 16.78
CA PRO B 475 -6.52 4.75 17.06
C PRO B 475 -5.57 4.77 18.27
N PHE B 476 -5.89 3.94 19.23
CA PHE B 476 -5.15 3.79 20.48
C PHE B 476 -3.77 3.18 20.20
N ASN B 477 -3.76 2.12 19.40
CA ASN B 477 -2.52 1.43 19.04
C ASN B 477 -1.57 2.31 18.24
N ILE B 478 -2.10 3.09 17.30
CA ILE B 478 -1.31 4.05 16.53
C ILE B 478 -0.57 5.00 17.49
N ALA B 479 -1.31 5.55 18.46
CA ALA B 479 -0.76 6.51 19.43
C ALA B 479 0.28 5.86 20.34
N SER B 480 -0.01 4.63 20.76
CA SER B 480 0.81 3.92 21.73
C SER B 480 2.21 3.60 21.22
N TYR B 481 2.31 3.11 19.98
CA TYR B 481 3.60 2.75 19.40
C TYR B 481 4.33 3.95 18.80
N SER B 482 3.57 4.95 18.38
CA SER B 482 4.15 6.21 17.91
C SER B 482 4.85 6.90 19.06
N LEU B 483 4.26 6.79 20.25
CA LEU B 483 4.87 7.30 21.49
C LEU B 483 6.15 6.53 21.83
N LEU B 484 6.08 5.20 21.72
CA LEU B 484 7.23 4.33 21.96
C LEU B 484 8.42 4.73 21.08
N THR B 485 8.15 5.02 19.81
CA THR B 485 9.17 5.48 18.87
C THR B 485 9.83 6.77 19.37
N LEU B 486 9.01 7.73 19.80
CA LEU B 486 9.52 9.00 20.33
C LEU B 486 10.43 8.78 21.52
N MET B 487 10.01 7.89 22.41
CA MET B 487 10.75 7.54 23.62
C MET B 487 12.09 6.89 23.31
N VAL B 488 12.06 5.88 22.44
CA VAL B 488 13.28 5.19 22.04
C VAL B 488 14.21 6.12 21.26
N ALA B 489 13.65 6.95 20.38
CA ALA B 489 14.43 7.93 19.61
C ALA B 489 15.20 8.88 20.52
N HIS B 490 14.53 9.40 21.54
CA HIS B 490 15.17 10.30 22.51
C HIS B 490 16.34 9.63 23.22
N VAL B 491 16.08 8.44 23.75
CA VAL B 491 17.04 7.69 24.56
C VAL B 491 18.27 7.24 23.77
N CYS B 492 18.11 7.05 22.48
CA CYS B 492 19.20 6.61 21.61
C CYS B 492 19.76 7.75 20.78
N ASN B 493 19.45 8.99 21.15
CA ASN B 493 19.89 10.18 20.42
C ASN B 493 19.56 10.15 18.94
N LEU B 494 18.27 9.93 18.65
CA LEU B 494 17.79 9.82 17.28
C LEU B 494 16.58 10.71 17.07
N LYS B 495 16.35 11.08 15.81
CA LYS B 495 15.15 11.78 15.41
C LYS B 495 14.07 10.77 15.04
N PRO B 496 12.85 10.94 15.59
CA PRO B 496 11.73 10.11 15.16
C PRO B 496 11.25 10.47 13.76
N LYS B 497 11.04 9.45 12.91
CA LYS B 497 10.68 9.67 11.52
C LYS B 497 9.27 9.17 11.19
N GLU B 498 9.05 7.87 11.36
CA GLU B 498 7.86 7.24 10.83
C GLU B 498 7.40 6.04 11.67
N PHE B 499 6.09 5.95 11.86
CA PHE B 499 5.48 4.75 12.41
C PHE B 499 4.67 4.03 11.34
N ILE B 500 4.95 2.74 11.17
CA ILE B 500 4.33 1.91 10.13
C ILE B 500 3.50 0.80 10.77
N HIS B 501 2.22 0.76 10.42
CA HIS B 501 1.27 -0.15 11.04
C HIS B 501 0.88 -1.30 10.10
N PHE B 502 1.41 -2.49 10.38
CA PHE B 502 1.02 -3.69 9.64
C PHE B 502 -0.09 -4.44 10.37
N MET B 503 -1.21 -4.64 9.66
CA MET B 503 -2.42 -5.20 10.27
C MET B 503 -2.84 -6.53 9.67
N GLY B 504 -3.13 -7.50 10.52
CA GLY B 504 -3.62 -8.80 10.11
C GLY B 504 -5.12 -8.76 9.89
N ASN B 505 -5.85 -9.48 10.74
CA ASN B 505 -7.30 -9.47 10.71
C ASN B 505 -7.84 -8.11 11.12
N THR B 506 -8.19 -7.29 10.13
CA THR B 506 -8.64 -5.93 10.35
C THR B 506 -10.17 -5.85 10.26
N HIS B 507 -10.81 -5.54 11.38
CA HIS B 507 -12.26 -5.65 11.48
C HIS B 507 -12.95 -4.54 12.26
N VAL B 508 -14.17 -4.22 11.83
CA VAL B 508 -15.09 -3.37 12.58
C VAL B 508 -16.27 -4.23 13.06
N TYR B 509 -16.64 -4.08 14.32
CA TYR B 509 -17.78 -4.80 14.90
C TYR B 509 -19.10 -4.18 14.46
N THR B 510 -20.11 -5.03 14.25
CA THR B 510 -21.42 -4.60 13.73
C THR B 510 -22.10 -3.51 14.56
N ASN B 511 -21.89 -3.53 15.87
CA ASN B 511 -22.42 -2.49 16.74
C ASN B 511 -21.66 -1.16 16.69
N HIS B 512 -20.58 -1.10 15.91
CA HIS B 512 -19.82 0.13 15.72
C HIS B 512 -20.15 0.83 14.40
N VAL B 513 -20.76 0.08 13.48
CA VAL B 513 -21.00 0.54 12.10
C VAL B 513 -21.66 1.93 12.01
N GLU B 514 -22.71 2.13 12.80
N GLU B 514 -22.73 2.13 12.77
CA GLU B 514 -23.49 3.37 12.79
CA GLU B 514 -23.48 3.39 12.77
C GLU B 514 -22.70 4.56 13.34
C GLU B 514 -22.64 4.55 13.29
N ALA B 515 -21.89 4.30 14.36
CA ALA B 515 -21.04 5.32 14.99
C ALA B 515 -19.89 5.73 14.08
N LEU B 516 -19.32 4.76 13.35
CA LEU B 516 -18.23 5.03 12.45
C LEU B 516 -18.68 5.81 11.21
N LYS B 517 -19.93 5.60 10.81
CA LYS B 517 -20.52 6.32 9.68
C LYS B 517 -20.71 7.79 9.99
N GLU B 518 -20.96 8.09 11.26
CA GLU B 518 -21.02 9.46 11.75
C GLU B 518 -19.63 10.08 11.76
N GLN B 519 -18.65 9.28 12.18
CA GLN B 519 -17.26 9.70 12.27
C GLN B 519 -16.69 10.05 10.89
N LEU B 520 -17.17 9.37 9.86
CA LEU B 520 -16.71 9.61 8.50
C LEU B 520 -17.22 10.93 7.93
N ARG B 521 -18.19 11.54 8.61
CA ARG B 521 -18.73 12.83 8.18
C ARG B 521 -17.89 14.00 8.68
N ARG B 522 -16.96 13.71 9.58
CA ARG B 522 -16.10 14.73 10.18
C ARG B 522 -14.77 14.81 9.44
N GLU B 523 -14.37 16.02 9.07
CA GLU B 523 -13.05 16.24 8.49
C GLU B 523 -11.99 16.40 9.59
N PRO B 524 -10.85 15.71 9.45
CA PRO B 524 -9.78 15.75 10.43
C PRO B 524 -9.21 17.14 10.68
N ARG B 525 -8.70 17.34 11.90
CA ARG B 525 -8.04 18.57 12.32
C ARG B 525 -6.52 18.36 12.26
N PRO B 526 -5.72 19.44 12.31
CA PRO B 526 -4.29 19.22 12.33
C PRO B 526 -3.90 18.31 13.50
N PHE B 527 -2.84 17.52 13.31
CA PHE B 527 -2.30 16.68 14.36
C PHE B 527 -1.61 17.51 15.43
N PRO B 528 -1.62 17.03 16.68
CA PRO B 528 -0.88 17.71 17.75
C PRO B 528 0.62 17.39 17.70
N ILE B 529 1.39 18.11 18.50
CA ILE B 529 2.78 17.77 18.77
C ILE B 529 2.83 17.15 20.17
N VAL B 530 3.67 16.13 20.34
CA VAL B 530 3.95 15.58 21.66
C VAL B 530 5.39 15.88 22.06
N ASN B 531 5.55 16.66 23.12
CA ASN B 531 6.86 17.06 23.61
C ASN B 531 7.29 16.25 24.82
N ILE B 532 8.52 15.77 24.79
CA ILE B 532 9.14 15.15 25.96
C ILE B 532 9.69 16.25 26.86
N LEU B 533 9.08 16.38 28.04
CA LEU B 533 9.56 17.30 29.06
C LEU B 533 10.74 16.66 29.81
N ASN B 534 11.56 17.49 30.45
CA ASN B 534 12.70 17.05 31.26
C ASN B 534 13.71 16.18 30.51
N LYS B 535 14.03 16.55 29.27
CA LYS B 535 14.90 15.73 28.42
C LYS B 535 16.27 15.42 29.04
N GLU B 536 16.78 16.35 29.84
CA GLU B 536 18.09 16.23 30.49
C GLU B 536 18.10 15.15 31.57
N ARG B 537 16.99 14.99 32.27
CA ARG B 537 16.89 13.99 33.33
C ARG B 537 16.75 12.58 32.77
N ILE B 538 16.08 12.46 31.62
CA ILE B 538 15.76 11.15 31.05
C ILE B 538 16.87 10.65 30.14
N LYS B 539 17.47 9.52 30.52
CA LYS B 539 18.62 8.96 29.83
C LYS B 539 18.43 7.50 29.42
N GLU B 540 17.56 6.80 30.15
CA GLU B 540 17.22 5.41 29.84
C GLU B 540 15.71 5.26 29.72
N ILE B 541 15.27 4.18 29.05
CA ILE B 541 13.86 3.94 28.80
C ILE B 541 13.02 3.76 30.08
N ASP B 542 13.70 3.45 31.18
CA ASP B 542 13.03 3.26 32.48
C ASP B 542 12.91 4.56 33.27
N ASP B 543 13.43 5.65 32.70
CA ASP B 543 13.42 6.95 33.38
C ASP B 543 12.14 7.76 33.13
N PHE B 544 11.41 7.41 32.08
CA PHE B 544 10.18 8.12 31.73
C PHE B 544 9.10 7.95 32.78
N THR B 545 8.40 9.04 33.09
CA THR B 545 7.25 9.02 33.99
C THR B 545 6.02 9.52 33.24
N ALA B 546 4.87 9.48 33.92
CA ALA B 546 3.62 9.96 33.36
C ALA B 546 3.59 11.49 33.24
N GLU B 547 4.56 12.16 33.89
CA GLU B 547 4.62 13.61 33.91
C GLU B 547 5.68 14.21 33.00
N ASP B 548 6.26 13.37 32.14
CA ASP B 548 7.31 13.81 31.22
C ASP B 548 6.81 14.09 29.81
N PHE B 549 5.50 14.26 29.66
CA PHE B 549 4.90 14.44 28.34
C PHE B 549 3.90 15.57 28.28
N GLU B 550 3.87 16.22 27.13
CA GLU B 550 3.04 17.38 26.90
C GLU B 550 2.39 17.23 25.53
N VAL B 551 1.07 17.22 25.50
CA VAL B 551 0.32 17.22 24.24
C VAL B 551 -0.06 18.66 23.93
N VAL B 552 0.38 19.14 22.77
CA VAL B 552 0.20 20.54 22.39
C VAL B 552 -0.58 20.66 21.09
N GLY B 553 -1.71 21.35 21.15
CA GLY B 553 -2.52 21.66 19.97
C GLY B 553 -3.48 20.57 19.54
N TYR B 554 -3.99 19.83 20.51
CA TYR B 554 -4.93 18.74 20.25
C TYR B 554 -6.37 19.25 20.30
N VAL B 555 -7.00 19.32 19.14
CA VAL B 555 -8.36 19.88 19.02
C VAL B 555 -9.28 18.88 18.31
N PRO B 556 -9.55 17.73 18.96
CA PRO B 556 -10.30 16.68 18.26
C PRO B 556 -11.80 16.99 18.18
N HIS B 557 -12.52 16.20 17.37
CA HIS B 557 -13.98 16.20 17.39
C HIS B 557 -14.44 15.50 18.67
N GLY B 558 -15.72 15.59 18.98
CA GLY B 558 -16.27 15.00 20.20
C GLY B 558 -16.08 13.49 20.29
N ARG B 559 -16.04 12.99 21.53
CA ARG B 559 -15.97 11.56 21.80
C ARG B 559 -17.16 10.80 21.19
N ILE B 560 -16.88 9.63 20.65
CA ILE B 560 -17.93 8.73 20.16
C ILE B 560 -17.94 7.45 20.98
N GLN B 561 -19.09 7.17 21.60
CA GLN B 561 -19.29 5.98 22.43
C GLN B 561 -19.32 4.69 21.62
N MET B 562 -18.39 3.79 21.94
CA MET B 562 -18.32 2.48 21.31
C MET B 562 -18.04 1.39 22.34
N GLU B 563 -18.94 0.40 22.41
CA GLU B 563 -18.86 -0.67 23.40
C GLU B 563 -17.77 -1.69 23.07
N MET B 564 -16.94 -2.00 24.06
CA MET B 564 -15.87 -2.98 23.91
C MET B 564 -16.43 -4.39 23.86
N ALA B 565 -16.38 -5.02 22.69
CA ALA B 565 -16.73 -6.43 22.54
C ALA B 565 -15.92 -7.22 23.56
N VAL B 566 -16.63 -7.77 24.55
CA VAL B 566 -16.02 -8.35 25.75
C VAL B 566 -15.30 -9.67 25.50
N1 UMP C . 17.52 -12.79 3.29
C2 UMP C . 16.38 -12.93 2.44
N3 UMP C . 15.49 -13.91 2.67
C4 UMP C . 15.66 -14.78 3.67
C5 UMP C . 16.78 -14.68 4.51
C6 UMP C . 17.71 -13.66 4.29
O2 UMP C . 16.17 -12.13 1.49
O4 UMP C . 14.83 -15.70 3.87
C1' UMP C . 18.50 -11.71 3.04
C2' UMP C . 18.10 -10.39 3.68
C3' UMP C . 19.43 -9.83 4.16
C4' UMP C . 20.32 -11.03 4.39
O3' UMP C . 19.98 -9.06 3.10
O4' UMP C . 19.79 -12.07 3.56
C5' UMP C . 20.35 -11.48 5.84
O5' UMP C . 21.26 -10.67 6.61
P UMP C . 20.98 -10.34 8.16
OP1 UMP C . 19.47 -10.26 8.26
OP2 UMP C . 21.71 -9.03 8.42
OP3 UMP C . 21.58 -11.50 8.93
PA NDP D . -6.94 -19.20 -42.85
O1A NDP D . -7.98 -18.64 -41.92
O2A NDP D . -5.67 -18.43 -43.15
O5B NDP D . -7.66 -19.52 -44.24
C5B NDP D . -6.89 -19.91 -45.38
C4B NDP D . -7.78 -19.70 -46.60
O4B NDP D . -8.25 -18.36 -46.63
C3B NDP D . -7.01 -19.92 -47.88
O3B NDP D . -7.08 -21.28 -48.28
C2B NDP D . -7.72 -18.97 -48.83
O2B NDP D . -8.98 -19.52 -49.22
C1B NDP D . -8.02 -17.78 -47.91
N9A NDP D . -6.88 -16.82 -47.80
C8A NDP D . -6.30 -16.43 -46.64
N7A NDP D . -5.29 -15.55 -46.85
C5A NDP D . -5.20 -15.35 -48.17
C6A NDP D . -4.34 -14.54 -49.06
N6A NDP D . -3.36 -13.75 -48.56
N1A NDP D . -4.56 -14.61 -50.40
C2A NDP D . -5.54 -15.40 -50.91
N3A NDP D . -6.36 -16.16 -50.16
C4A NDP D . -6.24 -16.18 -48.81
O3 NDP D . -6.59 -20.70 -42.35
PN NDP D . -5.35 -21.08 -41.40
O1N NDP D . -4.87 -22.47 -41.79
O2N NDP D . -4.38 -19.94 -41.39
O5D NDP D . -6.02 -21.17 -39.95
C5D NDP D . -6.93 -22.23 -39.69
C4D NDP D . -6.87 -22.68 -38.24
O4D NDP D . -6.23 -21.72 -37.38
C3D NDP D . -8.27 -22.84 -37.70
O3D NDP D . -8.73 -24.16 -37.95
C2D NDP D . -8.14 -22.58 -36.23
O2D NDP D . -7.87 -23.81 -35.56
C1D NDP D . -6.90 -21.71 -36.11
N1N NDP D . -7.27 -20.34 -35.72
C2N NDP D . -6.81 -19.88 -34.55
C3N NDP D . -7.09 -18.59 -34.09
C7N NDP D . -6.53 -18.13 -32.77
O7N NDP D . -6.74 -17.00 -32.37
N7N NDP D . -5.82 -18.98 -32.05
C4N NDP D . -7.95 -17.65 -34.93
C5N NDP D . -8.40 -18.28 -36.16
C6N NDP D . -8.04 -19.57 -36.52
P2B NDP D . -9.23 -20.49 -50.50
O1X NDP D . -8.16 -21.55 -50.46
O2X NDP D . -10.61 -21.03 -50.27
O3X NDP D . -9.08 -19.55 -51.67
N1 CB3 E . 21.82 -14.17 2.21
C2 CB3 E . 21.63 -13.08 1.44
NA2 CB3 E . 22.45 -12.01 1.62
N3 CB3 E . 20.67 -13.01 0.49
C4 CB3 E . 19.82 -14.03 0.26
O4 CB3 E . 18.95 -13.91 -0.64
C4A CB3 E . 19.97 -15.26 1.07
C5 CB3 E . 19.16 -16.39 0.92
C6 CB3 E . 19.41 -17.48 1.76
C7 CB3 E . 20.42 -17.47 2.71
C8 CB3 E . 21.24 -16.36 2.89
C8A CB3 E . 21.05 -15.25 2.09
C9 CB3 E . 18.55 -18.71 1.63
N10 CB3 E . 17.82 -18.66 0.37
C11 CB3 E . 19.77 -18.40 -3.31
C12 CB3 E . 18.38 -18.45 -3.26
C13 CB3 E . 17.73 -18.52 -2.03
C14 CB3 E . 18.47 -18.57 -0.86
C15 CB3 E . 19.86 -18.53 -0.91
C16 CB3 E . 20.51 -18.45 -2.13
C CB3 E . 20.49 -18.31 -4.62
O CB3 E . 21.68 -18.56 -4.66
N CB3 E . 19.80 -17.94 -5.70
CA CB3 E . 19.09 -18.91 -6.52
CB CB3 E . 18.09 -18.18 -7.42
CG CB3 E . 16.68 -18.28 -6.83
CD CB3 E . 15.94 -16.97 -6.98
OE1 CB3 E . 15.63 -16.34 -5.94
OE2 CB3 E . 15.65 -16.58 -8.14
CT CB3 E . 20.03 -19.74 -7.34
O1 CB3 E . 21.05 -20.23 -6.79
O2 CB3 E . 19.78 -19.89 -8.56
CP1 CB3 E . 16.38 -18.74 0.42
CP2 CB3 E . 15.87 -17.40 0.15
CP3 CB3 E . 15.42 -16.24 -0.11
C12 73X F . -8.47 -14.13 -29.56
C13 73X F . -9.20 -14.62 -31.75
CL1 73X F . -17.29 -20.56 -31.49
C2 73X F . -15.83 -19.72 -32.09
C1 73X F . -15.68 -18.35 -31.95
C3 73X F . -14.84 -20.49 -32.69
CL 73X F . -15.11 -22.25 -32.83
C4 73X F . -13.68 -19.90 -33.19
C5 73X F . -13.52 -18.52 -33.05
C 73X F . -14.51 -17.76 -32.43
N 73X F . -12.35 -17.91 -33.51
C9 73X F . -11.07 -18.58 -33.49
C8 73X F . -10.28 -17.93 -32.33
N1 73X F . -10.69 -16.53 -32.09
C7 73X F . -11.92 -15.90 -32.60
C6 73X F . -12.35 -16.52 -33.92
C10 73X F . -9.92 -15.70 -31.26
N4 73X F . -9.21 -14.32 -33.08
N3 73X F . -8.50 -13.85 -30.89
N5 73X F . -7.77 -13.36 -28.70
N2 73X F . -9.17 -15.17 -29.07
C11 73X F . -9.89 -15.96 -29.89
N1 UMP G . -7.52 -5.55 20.37
C2 UMP G . -6.96 -4.41 19.72
N3 UMP G . -5.77 -3.93 20.11
C4 UMP G . -5.08 -4.51 21.11
C5 UMP G . -5.59 -5.62 21.77
C6 UMP G . -6.84 -6.12 21.39
O2 UMP G . -7.56 -3.84 18.79
O4 UMP G . -3.97 -4.06 21.45
C1' UMP G . -8.84 -6.09 20.00
C2' UMP G . -8.85 -6.73 18.61
C3' UMP G . -9.76 -7.94 18.78
C4' UMP G . -9.71 -8.29 20.25
O3' UMP G . -11.10 -7.57 18.43
O4' UMP G . -9.27 -7.10 20.92
C5' UMP G . -8.72 -9.42 20.52
O5' UMP G . -9.36 -10.59 21.00
P UMP G . -9.32 -11.96 20.15
OP1 UMP G . -10.52 -11.82 19.25
OP2 UMP G . -7.98 -11.93 19.44
OP3 UMP G . -9.47 -13.06 21.17
PA NDP H . -7.06 46.07 9.95
O1A NDP H . -6.00 45.74 8.91
O2A NDP H . -8.49 45.61 9.77
O5B NDP H . -7.02 47.65 10.15
C5B NDP H . -8.18 48.46 10.30
C4B NDP H . -7.91 49.69 9.44
O4B NDP H . -8.03 49.36 8.05
C3B NDP H . -8.91 50.81 9.72
O3B NDP H . -8.39 51.74 10.67
C2B NDP H . -9.14 51.40 8.34
O2B NDP H . -8.14 52.38 7.99
C1B NDP H . -9.02 50.17 7.44
N9A NDP H . -10.33 49.45 7.49
C8A NDP H . -10.60 48.33 8.19
N7A NDP H . -11.88 47.94 8.05
C5A NDP H . -12.47 48.81 7.22
C6A NDP H . -13.83 48.99 6.65
N6A NDP H . -14.82 48.11 6.93
N1A NDP H . -14.03 50.05 5.84
C2A NDP H . -13.05 50.94 5.55
N3A NDP H . -11.80 50.84 6.04
C4A NDP H . -11.45 49.82 6.86
O3 NDP H . -6.45 45.65 11.38
PN NDP H . -7.00 44.53 12.40
O1N NDP H . -6.61 45.00 13.79
O2N NDP H . -8.44 44.17 12.12
O5D NDP H . -6.05 43.29 12.02
C5D NDP H . -4.62 43.43 12.03
C4D NDP H . -4.05 42.46 13.07
O4D NDP H . -4.35 41.10 12.72
C3D NDP H . -2.54 42.54 13.20
O3D NDP H . -2.30 42.39 14.61
C2D NDP H . -1.99 41.33 12.46
O2D NDP H . -0.88 40.76 13.14
C1D NDP H . -3.16 40.36 12.43
N1N NDP H . -3.31 39.70 11.12
C2N NDP H . -3.31 38.36 11.07
C3N NDP H . -3.47 37.67 9.88
C7N NDP H . -3.44 36.16 9.87
O7N NDP H . -4.18 35.55 9.11
N7N NDP H . -2.62 35.53 10.70
C4N NDP H . -3.67 38.41 8.58
C5N NDP H . -3.67 39.86 8.76
C6N NDP H . -3.49 40.44 10.02
P2B NDP H . -8.24 53.91 8.50
O1X NDP H . -7.67 53.89 9.90
O2X NDP H . -7.39 54.70 7.56
O3X NDP H . -9.72 54.21 8.45
N1 CB3 I . -10.99 -5.96 23.36
C2 CB3 I . -11.62 -5.52 22.26
NA2 CB3 I . -12.59 -6.31 21.71
N3 CB3 I . -11.34 -4.34 21.67
C4 CB3 I . -10.39 -3.51 22.16
O4 CB3 I . -10.15 -2.42 21.60
C4A CB3 I . -9.65 -3.93 23.38
C5 CB3 I . -8.65 -3.17 23.96
C6 CB3 I . -8.03 -3.66 25.10
C7 CB3 I . -8.38 -4.89 25.64
C8 CB3 I . -9.37 -5.69 25.07
C8A CB3 I . -10.02 -5.24 23.94
C9 CB3 I . -6.94 -2.86 25.77
N10 CB3 I . -6.96 -1.50 25.26
C11 CB3 I . -10.37 0.90 25.65
C12 CB3 I . -9.24 1.39 25.00
C13 CB3 I . -8.10 0.60 24.87
C14 CB3 I . -8.11 -0.70 25.38
C15 CB3 I . -9.24 -1.20 26.02
C16 CB3 I . -10.36 -0.40 26.16
C CB3 I . -11.60 1.75 25.80
O CB3 I . -12.47 1.43 26.58
N CB3 I . -11.68 2.84 25.06
CA CB3 I . -11.20 4.12 25.52
CB CB3 I . -11.12 5.08 24.35
CG CB3 I . -9.72 5.06 23.73
CD CB3 I . -9.77 5.16 22.23
OE1 CB3 I . -9.29 4.22 21.56
OE2 CB3 I . -10.30 6.17 21.71
CT CB3 I . -12.09 4.68 26.60
O1 CB3 I . -12.46 3.92 27.53
O2 CB3 I . -12.44 5.88 26.52
CP1 CB3 I . -5.77 -0.97 24.63
CP2 CB3 I . -6.01 -0.93 23.18
CP3 CB3 I . -6.26 -0.81 21.94
C12 73X J . -1.21 33.47 6.40
C13 73X J . -1.86 35.68 5.96
CL1 73X J . 6.77 40.24 8.36
C2 73X J . 5.02 40.06 8.05
C1 73X J . 4.59 39.83 6.75
C3 73X J . 4.12 40.13 9.10
CL 73X J . 4.69 40.43 10.79
C4 73X J . 2.76 39.99 8.85
C5 73X J . 2.32 39.76 7.56
C 73X J . 3.23 39.69 6.50
N 73X J . 0.95 39.60 7.33
C9 73X J . 0.09 39.28 8.47
C8 73X J . -0.84 38.14 8.04
N1 73X J . -0.48 37.51 6.77
C7 73X J . 0.13 38.23 5.63
C6 73X J . 0.36 39.69 6.01
C10 73X J . -0.73 36.14 6.63
N4 73X J . -2.74 36.56 5.40
N3 73X J . -2.08 34.35 5.85
N5 73X J . -1.45 32.14 6.27
N2 73X J . -0.11 33.90 7.06
C11 73X J . 0.15 35.21 7.19
#